data_7V9Q
#
_entry.id   7V9Q
#
_cell.length_a   58.818
_cell.length_b   111.577
_cell.length_c   156.089
_cell.angle_alpha   90.000
_cell.angle_beta   90.000
_cell.angle_gamma   90.000
#
_symmetry.space_group_name_H-M   'P 21 21 21'
#
loop_
_entity.id
_entity.type
_entity.pdbx_description
1 polymer 'Alanine aminopeptidase'
2 non-polymer 'ZINC ION'
3 water water
#
_entity_poly.entity_id   1
_entity_poly.type   'polypeptide(L)'
_entity_poly.pdbx_seq_one_letter_code
;MGSSHHHHHHHHHHSSGLVPRGSHVAPPNLTREQAEQRAALLEVQSYAIELDLSAGAGGPEVETFGSTTTVRFRSATPGA
ESWIDLVAARVRSAVLNGVELDVSDYDESTGIRLPELAADNELVVHADCQYTNTGEGLHRFIDPVDGGVYLYSQFETADA
KRMFTCFDQPDLKATYQITVTAPQDWKVISNAAGEVTDTGEGTRRHVFDTTKPMSTYLVALVAGPYAEWRDVFPGDDGQD
EIPLGIYCRASLAEHLDAERLFIETKQGFGFFHKAFGVPYPFGKYDQCFVPEFNAGAMENAGCVTFLEDYVFRSRVTGYL
YERRSETVLHEMAHMWFGDLVTMRWWDDLWLNESFATWASVLAQVGATQYTNAWTTFASVEKSWAYRQDQLPSTHPVAAD
IPDLQAVEVNFDGITYAKGASVLKQLVAYVGLENFLAGLKVYFDRHAWGNATLDDLLVALEEASGRDLSWWSAQWLQTTG
LNMLRPKLAIDDEGRFTSFSVLQSPARPGAGEHRTHRLAIGIYDDDPATGELVRTHRVELDVTGERTEVPDLVGVHRGKL
VLVNDDDLTYCTMRLDPQSLATLIDRIADIQESLPRALCWSTAWEMTREAELKARDFVSLVLGSSPTTGIGAESEIGVVQ
RVLLQTQTALASYADPAWQPEGWRRFAGRLLELARAAEPGSDHQLAFVNSLAGSVLGEEQISAMRGWLDGTAPLEGLTVD
TDLRWGLLQALVAHGAAGEAEIDAELERDQTATGRRRAERARSLIPTPEAKEKAWQRAVHDDQLPNAISDAIISGFQHPG
QRELLASYVRRYFDEIDEVWHRRSSERAQPTVIGLFPSWAVDEDTVAVADRWLEGEHAPALRRLVSEGRAGIVRALAARE
FDRS
;
_entity_poly.pdbx_strand_id   A
#
loop_
_chem_comp.id
_chem_comp.type
_chem_comp.name
_chem_comp.formula
ZN non-polymer 'ZINC ION' 'Zn 2'
#
# COMPACT_ATOMS: atom_id res chain seq x y z
N ALA A 26 -10.67 -18.06 -21.63
CA ALA A 26 -9.49 -17.31 -22.05
C ALA A 26 -9.73 -15.99 -22.80
N PRO A 27 -10.12 -14.94 -22.07
CA PRO A 27 -10.38 -13.61 -22.57
C PRO A 27 -9.15 -12.97 -23.16
N PRO A 28 -9.37 -12.10 -24.09
CA PRO A 28 -8.47 -11.34 -24.93
C PRO A 28 -7.57 -10.37 -24.24
N ASN A 29 -6.34 -10.35 -24.72
CA ASN A 29 -5.30 -9.44 -24.25
C ASN A 29 -5.25 -8.24 -25.19
N LEU A 30 -6.21 -7.33 -25.03
CA LEU A 30 -6.21 -6.13 -25.86
C LEU A 30 -4.85 -5.45 -25.79
N THR A 31 -4.37 -4.97 -26.93
CA THR A 31 -3.08 -4.29 -26.98
C THR A 31 -3.30 -2.79 -27.09
N ARG A 32 -2.30 -2.02 -26.65
CA ARG A 32 -2.42 -0.58 -26.79
C ARG A 32 -2.79 -0.22 -28.22
N GLU A 33 -2.22 -0.91 -29.21
CA GLU A 33 -2.45 -0.56 -30.60
C GLU A 33 -3.89 -0.84 -30.99
N GLN A 34 -4.40 -2.02 -30.62
CA GLN A 34 -5.78 -2.38 -30.92
C GLN A 34 -6.76 -1.37 -30.35
N ALA A 35 -6.52 -0.96 -29.11
CA ALA A 35 -7.37 0.05 -28.48
C ALA A 35 -7.29 1.38 -29.22
N GLU A 36 -6.08 1.76 -29.63
CA GLU A 36 -5.91 3.04 -30.32
C GLU A 36 -6.67 3.06 -31.63
N GLN A 37 -6.59 1.96 -32.38
CA GLN A 37 -7.25 1.77 -33.65
C GLN A 37 -8.75 1.75 -33.57
N ARG A 38 -9.28 1.04 -32.62
CA ARG A 38 -10.72 1.03 -32.36
C ARG A 38 -11.20 2.42 -31.90
N ALA A 39 -10.46 3.02 -30.96
CA ALA A 39 -10.80 4.36 -30.50
C ALA A 39 -10.82 5.36 -31.66
N ALA A 40 -9.88 5.20 -32.60
CA ALA A 40 -9.85 6.09 -33.77
C ALA A 40 -11.16 6.02 -34.52
N LEU A 41 -11.67 4.80 -34.69
CA LEU A 41 -12.73 4.52 -35.65
C LEU A 41 -14.11 4.67 -35.03
N LEU A 42 -14.29 4.25 -33.78
CA LEU A 42 -15.63 4.22 -33.19
C LEU A 42 -15.82 5.32 -32.15
N GLU A 43 -17.07 5.65 -31.91
CA GLU A 43 -17.46 6.55 -30.90
C GLU A 43 -18.71 5.90 -30.42
N VAL A 44 -18.77 5.46 -29.22
CA VAL A 44 -19.94 4.82 -28.62
C VAL A 44 -20.80 5.89 -27.96
N GLN A 45 -22.12 5.79 -28.17
CA GLN A 45 -23.08 6.71 -27.60
C GLN A 45 -23.71 6.19 -26.32
N SER A 46 -24.28 4.98 -26.35
CA SER A 46 -25.06 4.53 -25.22
C SER A 46 -25.14 3.01 -25.23
N TYR A 47 -25.33 2.48 -24.04
CA TYR A 47 -25.52 1.06 -23.78
C TYR A 47 -26.86 0.88 -23.11
N ALA A 48 -27.62 -0.11 -23.55
CA ALA A 48 -28.81 -0.55 -22.85
C ALA A 48 -28.61 -2.02 -22.53
N ILE A 49 -28.62 -2.34 -21.24
CA ILE A 49 -28.28 -3.67 -20.73
C ILE A 49 -29.48 -4.22 -19.98
N GLU A 50 -29.84 -5.44 -20.32
CA GLU A 50 -30.83 -6.18 -19.60
C GLU A 50 -30.20 -7.48 -19.10
N LEU A 51 -30.37 -7.77 -17.83
CA LEU A 51 -29.81 -8.96 -17.21
C LEU A 51 -30.92 -9.80 -16.58
N ASP A 52 -30.92 -11.09 -16.86
CA ASP A 52 -31.82 -12.03 -16.21
C ASP A 52 -31.06 -12.64 -15.03
N LEU A 53 -31.35 -12.15 -13.83
CA LEU A 53 -30.65 -12.65 -12.62
C LEU A 53 -31.65 -13.42 -11.76
N SER A 54 -32.78 -13.84 -12.35
CA SER A 54 -33.89 -14.53 -11.65
C SER A 54 -33.48 -15.89 -11.07
N ALA A 55 -32.65 -16.63 -11.78
CA ALA A 55 -32.17 -17.93 -11.31
C ALA A 55 -31.03 -17.78 -10.30
N GLY A 56 -30.65 -16.55 -9.96
CA GLY A 56 -29.49 -16.28 -9.08
C GLY A 56 -29.60 -16.75 -7.64
N ALA A 57 -30.78 -16.67 -7.05
CA ALA A 57 -30.94 -16.98 -5.62
C ALA A 57 -31.02 -18.48 -5.47
N GLY A 58 -30.75 -19.18 -6.55
CA GLY A 58 -30.77 -20.63 -6.54
C GLY A 58 -29.50 -21.10 -5.94
N GLY A 59 -29.23 -22.38 -6.07
CA GLY A 59 -28.05 -22.88 -5.37
C GLY A 59 -26.80 -22.92 -6.23
N PRO A 60 -25.78 -23.72 -5.88
CA PRO A 60 -24.52 -23.70 -6.64
C PRO A 60 -24.66 -24.20 -8.06
N GLU A 61 -25.67 -25.00 -8.37
CA GLU A 61 -25.80 -25.52 -9.73
C GLU A 61 -26.07 -24.43 -10.76
N VAL A 62 -26.32 -23.19 -10.33
CA VAL A 62 -26.58 -22.08 -11.24
C VAL A 62 -25.26 -21.57 -11.78
N GLU A 63 -25.13 -21.43 -13.09
CA GLU A 63 -23.81 -21.01 -13.61
C GLU A 63 -23.90 -19.84 -14.60
N THR A 64 -25.10 -19.50 -15.10
CA THR A 64 -25.20 -18.46 -16.13
C THR A 64 -26.34 -17.52 -15.84
N PHE A 65 -26.29 -16.36 -16.49
CA PHE A 65 -27.35 -15.36 -16.41
C PHE A 65 -27.52 -14.70 -17.76
N GLY A 66 -28.67 -14.07 -17.93
CA GLY A 66 -29.06 -13.53 -19.23
C GLY A 66 -28.59 -12.10 -19.38
N SER A 67 -27.80 -11.87 -20.42
CA SER A 67 -27.26 -10.53 -20.71
C SER A 67 -27.67 -10.15 -22.13
N THR A 68 -28.51 -9.13 -22.25
CA THR A 68 -28.88 -8.57 -23.55
C THR A 68 -28.39 -7.15 -23.62
N THR A 69 -27.50 -6.88 -24.58
CA THR A 69 -26.87 -5.59 -24.79
C THR A 69 -27.36 -4.96 -26.09
N THR A 70 -27.75 -3.72 -26.00
CA THR A 70 -28.07 -2.91 -27.15
C THR A 70 -27.10 -1.70 -27.12
N VAL A 71 -26.22 -1.64 -28.09
CA VAL A 71 -25.28 -0.58 -28.15
C VAL A 71 -25.32 0.26 -29.43
N ARG A 72 -25.42 1.56 -29.24
CA ARG A 72 -25.45 2.49 -30.32
C ARG A 72 -24.11 3.14 -30.49
N PHE A 73 -23.50 3.06 -31.64
CA PHE A 73 -22.21 3.66 -31.88
C PHE A 73 -22.01 4.18 -33.29
N ARG A 74 -21.10 5.12 -33.43
CA ARG A 74 -20.82 5.69 -34.72
C ARG A 74 -19.50 5.26 -35.21
N SER A 75 -19.40 5.11 -36.51
CA SER A 75 -18.17 4.77 -37.16
C SER A 75 -17.86 5.89 -38.11
N ALA A 76 -16.60 6.27 -38.21
CA ALA A 76 -16.18 7.36 -39.07
C ALA A 76 -15.50 6.87 -40.33
N THR A 77 -15.47 5.56 -40.56
CA THR A 77 -15.10 4.97 -41.85
C THR A 77 -16.15 3.94 -42.22
N PRO A 78 -17.33 4.40 -42.68
CA PRO A 78 -18.37 3.47 -43.14
C PRO A 78 -17.81 2.37 -44.05
N GLY A 79 -18.28 1.15 -43.83
CA GLY A 79 -17.82 0.00 -44.55
C GLY A 79 -16.70 -0.78 -43.89
N ALA A 80 -16.07 -0.23 -42.87
CA ALA A 80 -14.98 -0.89 -42.16
C ALA A 80 -15.41 -1.98 -41.23
N GLU A 81 -14.46 -2.80 -40.88
CA GLU A 81 -14.66 -3.86 -39.94
C GLU A 81 -14.13 -3.53 -38.52
N SER A 82 -14.90 -3.79 -37.50
CA SER A 82 -14.47 -3.61 -36.13
C SER A 82 -14.84 -4.83 -35.30
N TRP A 83 -14.68 -4.78 -34.01
CA TRP A 83 -15.05 -5.87 -33.14
C TRP A 83 -15.45 -5.40 -31.80
N ILE A 84 -16.36 -6.11 -31.17
CA ILE A 84 -16.87 -5.79 -29.88
C ILE A 84 -16.54 -6.95 -28.95
N ASP A 85 -16.31 -6.68 -27.67
CA ASP A 85 -15.81 -7.68 -26.73
C ASP A 85 -16.96 -8.36 -26.00
N LEU A 86 -16.82 -9.67 -25.79
CA LEU A 86 -17.77 -10.39 -24.96
C LEU A 86 -17.18 -11.72 -24.51
N VAL A 87 -17.52 -12.12 -23.28
CA VAL A 87 -17.09 -13.38 -22.68
C VAL A 87 -18.34 -14.04 -22.12
N ALA A 88 -18.84 -15.07 -22.81
CA ALA A 88 -20.08 -15.71 -22.40
C ALA A 88 -20.03 -17.21 -22.64
N ALA A 89 -20.92 -17.91 -21.93
CA ALA A 89 -21.18 -19.32 -22.21
C ALA A 89 -21.61 -19.50 -23.66
N ARG A 90 -22.62 -18.76 -24.06
CA ARG A 90 -23.01 -18.82 -25.42
C ARG A 90 -23.57 -17.54 -25.88
N VAL A 91 -23.65 -17.40 -27.19
CA VAL A 91 -24.23 -16.22 -27.76
C VAL A 91 -25.48 -16.64 -28.53
N ARG A 92 -26.64 -16.29 -28.03
CA ARG A 92 -27.82 -16.64 -28.69
C ARG A 92 -27.97 -16.00 -30.04
N SER A 93 -27.82 -14.71 -30.11
CA SER A 93 -27.89 -13.95 -31.35
C SER A 93 -27.13 -12.65 -31.28
N ALA A 94 -26.76 -12.14 -32.44
CA ALA A 94 -26.12 -10.83 -32.54
C ALA A 94 -26.47 -10.16 -33.87
N VAL A 95 -27.11 -8.99 -33.80
CA VAL A 95 -27.81 -8.38 -34.95
C VAL A 95 -27.30 -6.94 -35.15
N LEU A 96 -26.42 -6.75 -36.14
CA LEU A 96 -25.85 -5.43 -36.43
C LEU A 96 -26.68 -4.73 -37.50
N ASN A 97 -27.34 -3.63 -37.11
CA ASN A 97 -27.97 -2.75 -38.10
C ASN A 97 -29.05 -3.48 -38.91
N GLY A 98 -29.76 -4.39 -38.28
CA GLY A 98 -30.68 -5.23 -38.99
C GLY A 98 -30.16 -6.60 -39.39
N VAL A 99 -28.90 -6.70 -39.80
CA VAL A 99 -28.33 -7.97 -40.25
C VAL A 99 -28.09 -8.90 -39.05
N GLU A 100 -28.44 -10.18 -39.19
CA GLU A 100 -28.05 -11.16 -38.18
C GLU A 100 -26.65 -11.66 -38.50
N LEU A 101 -25.75 -11.56 -37.52
CA LEU A 101 -24.33 -11.87 -37.67
C LEU A 101 -24.05 -13.34 -37.33
N ASP A 102 -22.98 -13.87 -37.94
CA ASP A 102 -22.60 -15.27 -37.84
C ASP A 102 -21.85 -15.52 -36.53
N VAL A 103 -22.56 -16.04 -35.54
CA VAL A 103 -21.99 -16.33 -34.23
C VAL A 103 -21.51 -17.73 -34.01
N SER A 104 -21.54 -18.54 -35.03
CA SER A 104 -21.16 -19.94 -34.95
C SER A 104 -19.72 -20.20 -34.52
N ASP A 105 -18.83 -19.32 -34.91
CA ASP A 105 -17.43 -19.42 -34.65
C ASP A 105 -16.98 -18.71 -33.36
N TYR A 106 -17.90 -18.18 -32.58
CA TYR A 106 -17.55 -17.38 -31.42
C TYR A 106 -16.68 -18.05 -30.40
N ASP A 107 -15.69 -17.30 -29.96
CA ASP A 107 -14.77 -17.67 -28.96
C ASP A 107 -14.58 -16.42 -28.13
N GLU A 108 -14.47 -16.54 -26.81
CA GLU A 108 -14.30 -15.34 -26.03
C GLU A 108 -13.03 -14.56 -26.35
N SER A 109 -12.00 -15.24 -26.74
CA SER A 109 -10.76 -14.53 -27.06
C SER A 109 -10.85 -13.70 -28.33
N THR A 110 -11.94 -13.84 -29.09
CA THR A 110 -12.11 -13.18 -30.37
C THR A 110 -13.32 -12.26 -30.41
N GLY A 111 -14.25 -12.42 -29.47
CA GLY A 111 -15.39 -11.53 -29.38
C GLY A 111 -16.33 -11.73 -30.55
N ILE A 112 -16.67 -10.61 -31.20
CA ILE A 112 -17.72 -10.57 -32.20
C ILE A 112 -17.26 -9.63 -33.30
N ARG A 113 -16.84 -10.14 -34.44
CA ARG A 113 -16.43 -9.25 -35.48
C ARG A 113 -17.63 -8.47 -35.92
N LEU A 114 -17.42 -7.25 -36.38
CA LEU A 114 -18.45 -6.28 -36.75
C LEU A 114 -18.16 -5.72 -38.14
N PRO A 115 -18.33 -6.51 -39.20
CA PRO A 115 -18.03 -6.03 -40.55
C PRO A 115 -19.22 -5.30 -41.16
N GLU A 116 -18.90 -4.59 -42.24
CA GLU A 116 -19.82 -3.72 -42.96
C GLU A 116 -20.45 -2.68 -42.09
N LEU A 117 -19.63 -1.94 -41.38
CA LEU A 117 -20.11 -0.89 -40.53
C LEU A 117 -20.65 0.30 -41.27
N ALA A 118 -21.75 0.77 -40.80
CA ALA A 118 -22.36 1.96 -41.29
C ALA A 118 -21.83 3.15 -40.56
N ALA A 119 -22.26 4.31 -40.93
CA ALA A 119 -21.91 5.49 -40.21
C ALA A 119 -22.52 5.57 -38.84
N ASP A 120 -23.77 5.16 -38.69
CA ASP A 120 -24.40 5.13 -37.38
C ASP A 120 -24.86 3.70 -37.15
N ASN A 121 -24.39 3.00 -36.12
CA ASN A 121 -24.78 1.63 -35.94
C ASN A 121 -25.54 1.26 -34.75
N GLU A 122 -26.21 0.14 -34.80
CA GLU A 122 -26.92 -0.35 -33.64
C GLU A 122 -26.63 -1.79 -33.50
N LEU A 123 -26.27 -2.25 -32.33
CA LEU A 123 -26.01 -3.64 -32.14
C LEU A 123 -26.83 -4.20 -31.03
N VAL A 124 -27.46 -5.34 -31.25
CA VAL A 124 -28.22 -6.01 -30.21
C VAL A 124 -27.61 -7.37 -30.11
N VAL A 125 -27.41 -7.84 -28.90
CA VAL A 125 -26.73 -9.10 -28.63
C VAL A 125 -27.41 -9.78 -27.44
N HIS A 126 -27.94 -10.99 -27.67
CA HIS A 126 -28.57 -11.82 -26.65
C HIS A 126 -27.60 -12.94 -26.30
N ALA A 127 -27.19 -13.02 -25.03
CA ALA A 127 -26.25 -14.08 -24.68
C ALA A 127 -26.40 -14.49 -23.23
N ASP A 128 -25.64 -15.51 -22.87
CA ASP A 128 -25.66 -16.10 -21.55
C ASP A 128 -24.26 -16.02 -20.96
N CYS A 129 -24.13 -15.27 -19.86
CA CYS A 129 -22.87 -14.97 -19.21
C CYS A 129 -22.68 -15.85 -17.98
N GLN A 130 -21.43 -16.08 -17.62
CA GLN A 130 -21.15 -16.89 -16.43
C GLN A 130 -20.95 -16.02 -15.20
N TYR A 131 -21.53 -16.45 -14.11
CA TYR A 131 -21.25 -15.88 -12.83
C TYR A 131 -19.88 -16.43 -12.45
N THR A 132 -19.19 -15.75 -11.56
CA THR A 132 -17.87 -16.23 -11.17
C THR A 132 -17.67 -16.33 -9.70
N ASN A 133 -16.66 -17.09 -9.32
CA ASN A 133 -16.26 -17.19 -7.93
C ASN A 133 -14.89 -16.60 -7.71
N THR A 134 -14.30 -16.07 -8.76
CA THR A 134 -13.05 -15.34 -8.70
C THR A 134 -13.39 -13.87 -8.49
N GLY A 135 -12.39 -13.03 -8.43
CA GLY A 135 -12.69 -11.62 -8.26
C GLY A 135 -13.46 -10.98 -9.41
N GLU A 136 -13.13 -11.36 -10.62
CA GLU A 136 -13.63 -10.80 -11.86
C GLU A 136 -15.05 -11.00 -12.34
N GLY A 137 -15.55 -10.03 -13.10
CA GLY A 137 -16.86 -10.10 -13.73
C GLY A 137 -17.98 -9.95 -12.71
N LEU A 138 -19.09 -10.66 -12.94
CA LEU A 138 -20.19 -10.70 -11.96
C LEU A 138 -19.94 -11.86 -10.99
N HIS A 139 -19.43 -11.54 -9.81
CA HIS A 139 -19.04 -12.55 -8.84
C HIS A 139 -20.24 -12.99 -8.01
N ARG A 140 -20.31 -14.28 -7.71
CA ARG A 140 -21.44 -14.86 -7.00
C ARG A 140 -20.99 -15.58 -5.72
N PHE A 141 -21.70 -15.32 -4.62
CA PHE A 141 -21.36 -15.83 -3.30
C PHE A 141 -22.62 -16.31 -2.57
N ILE A 142 -22.54 -17.47 -1.90
CA ILE A 142 -23.61 -17.94 -1.01
C ILE A 142 -23.12 -17.92 0.44
N ASP A 143 -23.76 -17.09 1.24
CA ASP A 143 -23.51 -16.97 2.67
C ASP A 143 -23.71 -18.32 3.34
N PRO A 144 -22.66 -18.95 3.89
CA PRO A 144 -22.81 -20.33 4.40
C PRO A 144 -23.67 -20.40 5.65
N VAL A 145 -23.78 -19.26 6.34
CA VAL A 145 -24.63 -19.07 7.54
C VAL A 145 -26.18 -18.95 7.39
N ASP A 146 -26.64 -18.12 6.45
CA ASP A 146 -28.05 -17.93 6.17
C ASP A 146 -28.48 -18.41 4.79
N GLY A 147 -27.58 -19.03 4.01
CA GLY A 147 -27.90 -19.54 2.68
C GLY A 147 -28.19 -18.49 1.61
N GLY A 148 -28.32 -17.21 1.97
CA GLY A 148 -28.63 -16.18 1.00
C GLY A 148 -27.49 -15.92 0.02
N VAL A 149 -27.87 -15.51 -1.19
CA VAL A 149 -26.95 -15.35 -2.32
C VAL A 149 -26.68 -13.87 -2.53
N TYR A 150 -25.40 -13.50 -2.64
CA TYR A 150 -24.99 -12.12 -2.82
C TYR A 150 -24.14 -11.98 -4.08
N LEU A 151 -24.50 -11.03 -4.93
CA LEU A 151 -23.77 -10.74 -6.15
C LEU A 151 -23.09 -9.38 -6.04
N TYR A 152 -21.92 -9.26 -6.68
CA TYR A 152 -21.28 -7.96 -6.91
C TYR A 152 -20.42 -8.07 -8.15
N SER A 153 -20.09 -6.95 -8.75
CA SER A 153 -19.22 -6.93 -9.90
C SER A 153 -17.90 -6.23 -9.65
N GLN A 154 -16.89 -6.64 -10.42
CA GLN A 154 -15.54 -6.05 -10.37
C GLN A 154 -15.03 -6.08 -11.78
N PHE A 155 -14.91 -4.92 -12.43
CA PHE A 155 -14.58 -4.90 -13.88
C PHE A 155 -13.19 -4.37 -14.22
N GLU A 156 -12.53 -3.64 -13.34
CA GLU A 156 -11.16 -3.20 -13.65
C GLU A 156 -10.27 -4.44 -13.64
N THR A 157 -9.31 -4.51 -14.55
CA THR A 157 -9.13 -3.68 -15.76
C THR A 157 -10.14 -3.92 -16.91
N ALA A 158 -10.42 -5.18 -17.28
CA ALA A 158 -11.27 -5.48 -18.45
C ALA A 158 -12.14 -6.72 -18.27
N ASP A 159 -13.09 -6.69 -17.36
CA ASP A 159 -13.98 -7.76 -17.09
C ASP A 159 -15.40 -7.33 -17.33
N ALA A 160 -15.60 -6.11 -17.76
CA ALA A 160 -16.94 -5.63 -18.03
C ALA A 160 -17.60 -6.53 -19.06
N LYS A 161 -16.83 -7.01 -20.01
CA LYS A 161 -17.28 -7.94 -21.01
C LYS A 161 -17.85 -9.29 -20.46
N ARG A 162 -17.59 -9.65 -19.22
CA ARG A 162 -18.16 -10.79 -18.58
C ARG A 162 -19.65 -10.64 -18.18
N MET A 163 -20.16 -9.42 -18.21
CA MET A 163 -21.54 -9.13 -17.92
C MET A 163 -22.33 -8.68 -19.16
N PHE A 164 -21.75 -7.83 -19.99
CA PHE A 164 -22.40 -7.30 -21.17
C PHE A 164 -21.42 -7.14 -22.32
N THR A 165 -21.92 -6.95 -23.52
CA THR A 165 -21.08 -6.79 -24.69
C THR A 165 -20.65 -5.34 -24.79
N CYS A 166 -19.38 -5.10 -24.93
CA CYS A 166 -18.87 -3.76 -24.95
C CYS A 166 -17.54 -3.65 -25.57
N PHE A 167 -17.19 -2.45 -25.96
CA PHE A 167 -15.82 -2.16 -26.37
C PHE A 167 -15.08 -1.89 -25.07
N ASP A 168 -14.37 -2.89 -24.56
CA ASP A 168 -13.89 -2.86 -23.18
C ASP A 168 -12.50 -2.24 -23.18
N GLN A 169 -12.46 -0.90 -23.13
CA GLN A 169 -11.22 -0.09 -23.15
C GLN A 169 -11.57 1.32 -22.69
N PRO A 170 -10.76 1.94 -21.82
CA PRO A 170 -11.27 3.10 -21.07
C PRO A 170 -11.63 4.32 -21.92
N ASP A 171 -11.28 4.39 -23.21
CA ASP A 171 -11.44 5.66 -23.94
C ASP A 171 -12.64 5.68 -24.88
N LEU A 172 -13.52 4.71 -24.76
CA LEU A 172 -14.76 4.66 -25.52
C LEU A 172 -15.91 4.77 -24.51
N LYS A 173 -16.04 5.92 -23.85
CA LYS A 173 -17.06 6.13 -22.82
C LYS A 173 -18.46 6.15 -23.43
N ALA A 174 -19.46 6.01 -22.56
CA ALA A 174 -20.86 5.91 -22.98
C ALA A 174 -21.74 6.09 -21.76
N THR A 175 -23.04 6.30 -22.00
CA THR A 175 -23.97 6.18 -20.88
C THR A 175 -24.50 4.75 -20.83
N TYR A 176 -25.01 4.37 -19.66
CA TYR A 176 -25.51 3.03 -19.46
C TYR A 176 -26.92 3.15 -18.91
N GLN A 177 -27.80 2.30 -19.42
CA GLN A 177 -29.17 2.18 -18.91
C GLN A 177 -29.33 0.71 -18.56
N ILE A 178 -29.34 0.40 -17.27
CA ILE A 178 -29.31 -0.98 -16.82
C ILE A 178 -30.67 -1.31 -16.22
N THR A 179 -31.20 -2.45 -16.64
CA THR A 179 -32.42 -3.01 -16.08
C THR A 179 -32.14 -4.46 -15.74
N VAL A 180 -32.51 -4.84 -14.52
CA VAL A 180 -32.23 -6.17 -13.99
C VAL A 180 -33.53 -6.79 -13.52
N THR A 181 -33.67 -8.09 -13.74
CA THR A 181 -34.76 -8.88 -13.17
C THR A 181 -34.22 -9.68 -11.99
N ALA A 182 -34.75 -9.38 -10.80
CA ALA A 182 -34.14 -9.87 -9.58
C ALA A 182 -35.10 -10.78 -8.81
N PRO A 183 -34.58 -11.81 -8.13
CA PRO A 183 -35.34 -12.42 -7.03
C PRO A 183 -35.95 -11.34 -6.14
N GLN A 184 -37.12 -11.56 -5.55
CA GLN A 184 -37.78 -10.40 -4.96
C GLN A 184 -37.19 -10.00 -3.61
N ASP A 185 -36.44 -10.89 -2.96
CA ASP A 185 -35.78 -10.51 -1.71
C ASP A 185 -34.60 -9.57 -1.93
N TRP A 186 -34.02 -9.58 -3.14
CA TRP A 186 -32.76 -8.89 -3.40
C TRP A 186 -32.95 -7.39 -3.57
N LYS A 187 -32.02 -6.65 -2.98
CA LYS A 187 -31.73 -5.30 -3.42
C LYS A 187 -30.78 -5.33 -4.62
N VAL A 188 -30.89 -4.33 -5.49
CA VAL A 188 -29.97 -4.19 -6.62
C VAL A 188 -29.48 -2.76 -6.68
N ILE A 189 -28.19 -2.54 -6.33
CA ILE A 189 -27.55 -1.23 -6.38
C ILE A 189 -26.69 -1.14 -7.65
N SER A 190 -26.69 0.04 -8.29
CA SER A 190 -25.86 0.22 -9.50
C SER A 190 -25.36 1.67 -9.54
N ASN A 191 -24.70 2.02 -10.65
CA ASN A 191 -24.14 3.36 -10.78
C ASN A 191 -25.19 4.44 -10.53
N ALA A 192 -26.34 4.34 -11.20
CA ALA A 192 -27.41 5.32 -11.07
C ALA A 192 -28.52 4.78 -10.16
N ALA A 193 -29.41 5.68 -9.77
CA ALA A 193 -30.58 5.33 -8.98
C ALA A 193 -31.57 4.62 -9.87
N GLY A 194 -32.40 3.77 -9.30
CA GLY A 194 -33.36 2.99 -10.05
C GLY A 194 -34.77 2.94 -9.48
N GLU A 195 -35.68 2.31 -10.22
CA GLU A 195 -37.08 2.12 -9.78
C GLU A 195 -37.42 0.67 -9.85
N VAL A 196 -38.17 0.17 -8.89
CA VAL A 196 -38.56 -1.25 -8.85
C VAL A 196 -40.05 -1.48 -8.98
N THR A 197 -40.44 -2.40 -9.84
CA THR A 197 -41.81 -2.78 -10.06
C THR A 197 -41.93 -4.27 -9.73
N ASP A 198 -42.92 -4.67 -8.94
CA ASP A 198 -43.05 -6.05 -8.52
C ASP A 198 -43.63 -6.90 -9.65
N THR A 199 -42.89 -7.92 -10.10
CA THR A 199 -43.34 -8.79 -11.16
C THR A 199 -44.32 -9.87 -10.68
N GLY A 200 -44.41 -10.09 -9.37
CA GLY A 200 -45.35 -11.07 -8.86
C GLY A 200 -45.15 -12.46 -9.42
N GLU A 201 -43.91 -12.83 -9.71
CA GLU A 201 -43.62 -14.18 -10.16
C GLU A 201 -42.42 -14.71 -9.40
N GLY A 202 -42.24 -14.25 -8.17
CA GLY A 202 -41.04 -14.49 -7.41
C GLY A 202 -40.02 -13.38 -7.52
N THR A 203 -40.20 -12.48 -8.48
CA THR A 203 -39.21 -11.46 -8.81
C THR A 203 -39.79 -10.06 -8.66
N ARG A 204 -38.89 -9.15 -9.00
CA ARG A 204 -39.02 -7.71 -9.07
C ARG A 204 -38.19 -7.22 -10.25
N ARG A 205 -38.54 -6.11 -10.84
CA ARG A 205 -37.78 -5.58 -11.96
C ARG A 205 -37.15 -4.26 -11.54
N HIS A 206 -35.83 -4.15 -11.68
CA HIS A 206 -35.09 -2.96 -11.27
C HIS A 206 -34.62 -2.24 -12.53
N VAL A 207 -35.19 -1.07 -12.78
CA VAL A 207 -34.82 -0.23 -13.91
C VAL A 207 -34.05 0.95 -13.34
N PHE A 208 -32.80 1.10 -13.76
CA PHE A 208 -31.98 2.19 -13.27
C PHE A 208 -31.92 3.27 -14.34
N ASP A 209 -31.89 4.52 -13.89
CA ASP A 209 -31.73 5.65 -14.81
C ASP A 209 -30.53 5.45 -15.72
N THR A 210 -30.58 6.11 -16.86
CA THR A 210 -29.37 6.20 -17.66
C THR A 210 -28.32 6.96 -16.86
N THR A 211 -27.07 6.53 -16.94
CA THR A 211 -25.99 7.18 -16.24
C THR A 211 -25.41 8.28 -17.10
N LYS A 212 -24.61 9.13 -16.48
CA LYS A 212 -23.75 10.01 -17.25
C LYS A 212 -22.67 9.15 -17.87
N PRO A 213 -21.90 9.70 -18.80
CA PRO A 213 -20.88 8.89 -19.48
C PRO A 213 -19.84 8.33 -18.52
N MET A 214 -19.38 7.11 -18.83
CA MET A 214 -18.46 6.35 -17.98
C MET A 214 -17.69 5.38 -18.85
N SER A 215 -16.54 4.94 -18.34
CA SER A 215 -15.86 3.82 -18.97
C SER A 215 -16.52 2.49 -18.55
N THR A 216 -16.19 1.42 -19.29
CA THR A 216 -16.89 0.15 -19.06
C THR A 216 -16.56 -0.41 -17.70
N TYR A 217 -15.29 -0.29 -17.27
CA TYR A 217 -14.86 -0.93 -16.02
C TYR A 217 -15.40 -0.23 -14.79
N LEU A 218 -16.06 0.92 -14.97
CA LEU A 218 -16.61 1.68 -13.86
C LEU A 218 -18.09 1.42 -13.64
N VAL A 219 -18.70 0.60 -14.50
CA VAL A 219 -20.07 0.16 -14.32
C VAL A 219 -20.18 -0.82 -13.15
N ALA A 220 -21.24 -0.68 -12.38
CA ALA A 220 -21.42 -1.43 -11.16
C ALA A 220 -22.71 -2.21 -11.23
N LEU A 221 -22.72 -3.39 -10.61
CA LEU A 221 -23.96 -4.07 -10.25
C LEU A 221 -23.75 -4.76 -8.91
N VAL A 222 -24.57 -4.43 -7.92
CA VAL A 222 -24.44 -4.99 -6.58
C VAL A 222 -25.83 -5.48 -6.16
N ALA A 223 -26.04 -6.79 -6.26
CA ALA A 223 -27.36 -7.39 -6.07
C ALA A 223 -27.31 -8.43 -4.96
N GLY A 224 -28.30 -8.37 -4.08
CA GLY A 224 -28.49 -9.37 -3.07
C GLY A 224 -29.42 -8.88 -1.97
N PRO A 225 -29.60 -9.73 -0.95
CA PRO A 225 -30.26 -9.35 0.32
C PRO A 225 -29.26 -8.67 1.24
N TYR A 226 -28.87 -7.46 0.87
CA TYR A 226 -27.90 -6.71 1.64
C TYR A 226 -28.61 -5.92 2.73
N ALA A 227 -28.08 -5.99 3.95
CA ALA A 227 -28.46 -4.98 4.93
C ALA A 227 -28.26 -3.59 4.33
N GLU A 228 -29.13 -2.65 4.67
CA GLU A 228 -29.11 -1.34 4.02
C GLU A 228 -29.40 -0.22 5.00
N TRP A 229 -28.48 0.73 5.08
CA TRP A 229 -28.71 2.00 5.74
C TRP A 229 -28.85 3.09 4.67
N ARG A 230 -29.21 4.28 5.10
CA ARG A 230 -29.38 5.43 4.25
C ARG A 230 -29.17 6.68 5.06
N ASP A 231 -28.79 7.74 4.36
CA ASP A 231 -28.51 9.06 4.90
C ASP A 231 -28.37 10.03 3.73
N VAL A 232 -28.22 11.30 3.99
CA VAL A 232 -27.98 12.26 2.94
C VAL A 232 -26.98 13.35 3.29
N PHE A 233 -26.07 13.69 2.39
CA PHE A 233 -25.22 14.84 2.59
C PHE A 233 -26.04 16.06 2.21
N PRO A 234 -26.30 16.97 3.14
CA PRO A 234 -27.05 18.16 2.79
C PRO A 234 -26.33 19.08 1.82
N GLY A 235 -27.04 19.50 0.81
CA GLY A 235 -26.46 20.34 -0.21
C GLY A 235 -25.96 21.70 0.19
N ASP A 236 -24.83 22.11 -0.35
CA ASP A 236 -24.26 23.40 -0.03
C ASP A 236 -23.31 23.95 -1.08
N ASP A 237 -23.17 25.26 -1.12
CA ASP A 237 -22.24 25.94 -2.01
C ASP A 237 -22.31 25.57 -3.47
N GLY A 238 -23.51 25.37 -3.99
CA GLY A 238 -23.65 24.99 -5.38
C GLY A 238 -23.69 23.50 -5.60
N GLN A 239 -23.44 22.79 -4.50
CA GLN A 239 -23.52 21.37 -4.51
C GLN A 239 -24.88 20.97 -4.00
N ASP A 240 -25.57 20.19 -4.82
CA ASP A 240 -26.88 19.64 -4.59
C ASP A 240 -26.81 18.58 -3.52
N GLU A 241 -27.91 18.23 -2.91
CA GLU A 241 -27.79 17.22 -1.89
C GLU A 241 -27.53 15.90 -2.48
N ILE A 242 -26.96 15.01 -1.70
CA ILE A 242 -26.64 13.71 -2.20
C ILE A 242 -27.14 12.58 -1.39
N PRO A 243 -27.97 11.74 -1.97
CA PRO A 243 -28.42 10.52 -1.28
C PRO A 243 -27.27 9.54 -1.12
N LEU A 244 -27.04 9.10 0.12
CA LEU A 244 -25.97 8.17 0.44
C LEU A 244 -26.57 6.91 1.05
N GLY A 245 -25.96 5.77 0.78
CA GLY A 245 -26.36 4.53 1.42
C GLY A 245 -25.19 3.60 1.66
N ILE A 246 -25.34 2.70 2.63
CA ILE A 246 -24.33 1.71 2.98
C ILE A 246 -24.95 0.33 2.99
N TYR A 247 -24.23 -0.65 2.45
CA TYR A 247 -24.75 -2.01 2.35
C TYR A 247 -23.67 -3.01 2.76
N CYS A 248 -24.12 -4.15 3.26
CA CYS A 248 -23.24 -5.23 3.72
C CYS A 248 -24.09 -6.50 3.84
N ARG A 249 -23.41 -7.63 3.95
CA ARG A 249 -24.18 -8.86 4.02
C ARG A 249 -25.12 -8.84 5.22
N ALA A 250 -26.08 -9.72 5.43
CA ALA A 250 -26.89 -9.60 6.69
C ALA A 250 -26.25 -9.91 8.10
N SER A 251 -25.51 -10.99 7.99
CA SER A 251 -24.75 -11.50 9.08
C SER A 251 -23.76 -10.44 9.55
N LEU A 252 -23.08 -9.81 8.61
CA LEU A 252 -22.21 -8.75 8.96
C LEU A 252 -22.88 -7.49 9.38
N ALA A 253 -24.16 -7.29 9.19
CA ALA A 253 -24.79 -6.06 9.61
C ALA A 253 -24.74 -5.85 11.03
N GLU A 254 -24.77 -6.91 11.86
CA GLU A 254 -24.61 -6.42 13.32
C GLU A 254 -23.40 -5.45 13.83
N HIS A 255 -22.26 -5.45 13.17
CA HIS A 255 -20.96 -4.86 13.35
C HIS A 255 -20.74 -3.68 12.47
N LEU A 256 -21.74 -3.21 11.76
CA LEU A 256 -21.48 -2.09 10.90
C LEU A 256 -21.74 -0.79 11.59
N ASP A 257 -20.70 -0.01 11.78
CA ASP A 257 -20.80 1.30 12.38
C ASP A 257 -21.13 2.30 11.33
N ALA A 258 -22.38 2.30 10.91
CA ALA A 258 -22.91 3.13 9.87
C ALA A 258 -22.86 4.56 10.19
N GLU A 259 -23.09 4.88 11.44
CA GLU A 259 -23.05 6.23 11.87
C GLU A 259 -21.72 6.87 11.61
N ARG A 260 -20.65 6.16 11.94
CA ARG A 260 -19.34 6.69 11.74
C ARG A 260 -18.97 6.89 10.30
N LEU A 261 -19.30 5.92 9.49
CA LEU A 261 -19.03 5.94 8.09
C LEU A 261 -19.79 7.07 7.43
N PHE A 262 -20.99 7.34 7.89
CA PHE A 262 -21.73 8.41 7.25
C PHE A 262 -21.14 9.77 7.61
N ILE A 263 -20.53 9.88 8.80
CA ILE A 263 -19.88 11.14 9.17
C ILE A 263 -18.63 11.37 8.33
N GLU A 264 -17.85 10.30 8.11
CA GLU A 264 -16.63 10.42 7.31
C GLU A 264 -16.95 10.65 5.84
N THR A 265 -18.00 9.99 5.32
CA THR A 265 -18.47 10.31 3.97
C THR A 265 -18.87 11.77 3.87
N LYS A 266 -19.55 12.28 4.89
CA LYS A 266 -20.04 13.66 4.80
C LYS A 266 -18.90 14.66 4.90
N GLN A 267 -17.93 14.40 5.78
CA GLN A 267 -16.72 15.21 5.83
C GLN A 267 -16.05 15.28 4.46
N GLY A 268 -16.00 14.14 3.74
CA GLY A 268 -15.36 14.10 2.43
C GLY A 268 -16.08 14.92 1.38
N PHE A 269 -17.42 14.87 1.37
CA PHE A 269 -18.13 15.57 0.30
C PHE A 269 -18.09 17.07 0.50
N GLY A 270 -18.08 17.54 1.75
CA GLY A 270 -17.90 18.95 1.99
C GLY A 270 -16.52 19.44 1.58
N PHE A 271 -15.52 18.58 1.66
CA PHE A 271 -14.14 19.00 1.39
C PHE A 271 -13.85 19.04 -0.11
N PHE A 272 -14.28 18.02 -0.83
CA PHE A 272 -13.74 17.79 -2.17
C PHE A 272 -14.26 18.81 -3.16
N HIS A 273 -15.52 19.23 -3.06
CA HIS A 273 -16.02 20.19 -4.03
C HIS A 273 -15.40 21.57 -3.81
N LYS A 274 -15.12 21.93 -2.56
CA LYS A 274 -14.36 23.15 -2.30
C LYS A 274 -12.97 23.05 -2.91
N ALA A 275 -12.22 22.03 -2.51
CA ALA A 275 -10.87 21.77 -3.04
C ALA A 275 -10.86 21.77 -4.56
N PHE A 276 -11.63 20.87 -5.17
CA PHE A 276 -11.59 20.73 -6.63
C PHE A 276 -12.37 21.82 -7.35
N GLY A 277 -13.38 22.41 -6.71
CA GLY A 277 -14.20 23.40 -7.37
C GLY A 277 -15.21 22.81 -8.33
N VAL A 278 -15.59 21.55 -8.12
CA VAL A 278 -16.51 20.83 -8.97
C VAL A 278 -17.41 20.05 -8.02
N PRO A 279 -18.72 20.13 -8.17
CA PRO A 279 -19.58 19.34 -7.29
C PRO A 279 -19.54 17.88 -7.70
N TYR A 280 -19.93 17.02 -6.76
CA TYR A 280 -19.96 15.59 -7.01
C TYR A 280 -20.65 15.33 -8.34
N PRO A 281 -20.05 14.57 -9.25
CA PRO A 281 -20.59 14.51 -10.60
C PRO A 281 -21.73 13.50 -10.78
N PHE A 282 -21.82 12.48 -9.95
CA PHE A 282 -22.84 11.44 -10.10
C PHE A 282 -23.94 11.64 -9.05
N GLY A 283 -25.08 11.01 -9.28
CA GLY A 283 -26.28 11.40 -8.56
C GLY A 283 -26.23 11.17 -7.07
N LYS A 284 -26.08 9.91 -6.69
CA LYS A 284 -25.97 9.51 -5.29
C LYS A 284 -24.63 8.81 -5.07
N TYR A 285 -24.38 8.44 -3.82
CA TYR A 285 -23.14 7.80 -3.44
C TYR A 285 -23.48 6.63 -2.53
N ASP A 286 -23.40 5.42 -3.09
CA ASP A 286 -23.62 4.20 -2.34
C ASP A 286 -22.30 3.47 -2.16
N GLN A 287 -22.13 2.87 -0.97
CA GLN A 287 -20.90 2.18 -0.59
C GLN A 287 -21.30 0.82 -0.04
N CYS A 288 -20.75 -0.24 -0.64
CA CYS A 288 -21.17 -1.60 -0.37
C CYS A 288 -19.99 -2.42 0.12
N PHE A 289 -20.22 -3.24 1.13
CA PHE A 289 -19.20 -4.13 1.68
C PHE A 289 -19.51 -5.54 1.19
N VAL A 290 -18.67 -6.04 0.28
CA VAL A 290 -18.99 -7.17 -0.57
C VAL A 290 -18.10 -8.36 -0.21
N PRO A 291 -18.62 -9.58 -0.28
CA PRO A 291 -17.83 -10.76 0.10
C PRO A 291 -16.81 -11.16 -0.95
N GLU A 292 -15.68 -11.68 -0.44
CA GLU A 292 -14.68 -12.30 -1.31
C GLU A 292 -14.04 -11.29 -2.26
N PHE A 293 -13.91 -10.07 -1.79
CA PHE A 293 -13.37 -9.01 -2.59
C PHE A 293 -11.89 -9.06 -2.67
N ASN A 294 -11.42 -9.22 -3.87
CA ASN A 294 -10.03 -9.30 -4.19
C ASN A 294 -9.18 -8.08 -3.98
N ALA A 295 -9.73 -6.94 -4.31
CA ALA A 295 -8.94 -5.75 -4.32
C ALA A 295 -9.12 -4.69 -3.27
N GLY A 296 -9.69 -4.98 -2.12
CA GLY A 296 -9.82 -3.92 -1.12
C GLY A 296 -10.85 -2.83 -1.29
N ALA A 297 -10.80 -2.08 -2.37
CA ALA A 297 -11.79 -1.08 -2.69
C ALA A 297 -11.86 -0.85 -4.18
N MET A 298 -13.01 -0.41 -4.63
CA MET A 298 -13.15 -0.08 -6.01
C MET A 298 -13.97 1.14 -6.29
N GLU A 299 -13.51 2.03 -7.11
CA GLU A 299 -14.22 3.25 -7.36
C GLU A 299 -15.22 3.32 -8.51
N ASN A 300 -16.19 2.45 -8.49
CA ASN A 300 -17.23 2.39 -9.44
C ASN A 300 -18.01 3.61 -9.24
N ALA A 301 -18.40 4.27 -10.29
CA ALA A 301 -19.03 5.54 -10.09
C ALA A 301 -20.35 5.43 -9.40
N GLY A 302 -20.43 6.08 -8.27
CA GLY A 302 -21.63 6.04 -7.50
C GLY A 302 -21.99 4.76 -6.80
N CYS A 303 -21.11 3.75 -6.92
CA CYS A 303 -21.29 2.46 -6.28
C CYS A 303 -19.93 1.89 -5.85
N VAL A 304 -19.33 2.45 -4.80
CA VAL A 304 -18.05 1.99 -4.37
C VAL A 304 -18.09 0.74 -3.54
N THR A 305 -17.27 -0.22 -3.86
CA THR A 305 -17.21 -1.47 -3.16
C THR A 305 -16.04 -1.63 -2.20
N PHE A 306 -16.24 -2.38 -1.15
CA PHE A 306 -15.22 -2.52 -0.10
C PHE A 306 -15.11 -3.97 0.33
N LEU A 307 -13.89 -4.43 0.57
CA LEU A 307 -13.79 -5.74 1.17
C LEU A 307 -14.26 -5.66 2.61
N GLU A 308 -14.68 -6.81 3.10
CA GLU A 308 -15.30 -7.01 4.38
C GLU A 308 -14.51 -6.79 5.61
N ASP A 309 -13.19 -6.72 5.52
CA ASP A 309 -12.34 -6.41 6.67
C ASP A 309 -12.49 -5.01 7.28
N TYR A 310 -13.08 -4.09 6.54
CA TYR A 310 -13.40 -2.80 6.97
C TYR A 310 -14.71 -2.81 7.75
N VAL A 311 -15.36 -3.94 7.92
CA VAL A 311 -16.51 -3.94 8.77
C VAL A 311 -15.94 -4.53 10.03
N PHE A 312 -15.64 -3.66 10.97
CA PHE A 312 -14.97 -4.08 12.17
C PHE A 312 -15.86 -4.90 13.05
N ARG A 313 -15.40 -6.11 13.30
CA ARG A 313 -16.14 -7.09 14.07
C ARG A 313 -15.64 -7.17 15.48
N SER A 314 -14.78 -6.23 15.85
CA SER A 314 -14.15 -6.35 17.18
C SER A 314 -13.90 -4.95 17.72
N ARG A 315 -13.47 -4.87 18.98
CA ARG A 315 -13.04 -3.55 19.47
C ARG A 315 -11.88 -3.34 18.54
N VAL A 316 -11.80 -2.18 17.92
CA VAL A 316 -10.75 -2.13 16.89
C VAL A 316 -9.78 -0.95 17.15
N THR A 317 -8.49 -1.10 16.81
CA THR A 317 -7.44 -0.07 17.05
C THR A 317 -7.67 1.18 16.21
N GLY A 318 -7.13 2.32 16.65
CA GLY A 318 -7.34 3.59 15.96
C GLY A 318 -6.65 3.64 14.63
N TYR A 319 -5.49 3.01 14.49
CA TYR A 319 -4.85 2.95 13.16
C TYR A 319 -5.81 2.29 12.18
N LEU A 320 -6.70 1.41 12.65
CA LEU A 320 -7.55 0.80 11.66
C LEU A 320 -8.61 1.77 11.24
N TYR A 321 -9.08 2.58 12.14
CA TYR A 321 -10.06 3.58 11.80
C TYR A 321 -9.50 4.57 10.82
N GLU A 322 -8.29 4.99 11.04
CA GLU A 322 -7.64 5.93 10.16
C GLU A 322 -7.42 5.36 8.79
N ARG A 323 -7.00 4.12 8.75
CA ARG A 323 -6.77 3.47 7.50
C ARG A 323 -8.03 3.35 6.73
N ARG A 324 -9.11 2.98 7.40
CA ARG A 324 -10.38 2.86 6.75
C ARG A 324 -10.88 4.20 6.26
N SER A 325 -10.66 5.23 7.04
CA SER A 325 -11.04 6.57 6.69
C SER A 325 -10.32 7.00 5.40
N GLU A 326 -9.04 6.69 5.34
CA GLU A 326 -8.27 7.01 4.18
C GLU A 326 -8.81 6.26 2.99
N THR A 327 -9.14 5.00 3.15
CA THR A 327 -9.68 4.22 2.06
C THR A 327 -10.99 4.77 1.56
N VAL A 328 -11.86 5.21 2.44
CA VAL A 328 -13.09 5.77 1.97
C VAL A 328 -12.81 7.02 1.13
N LEU A 329 -11.95 7.86 1.64
CA LEU A 329 -11.56 9.06 0.96
C LEU A 329 -10.86 8.85 -0.34
N HIS A 330 -10.06 7.80 -0.41
CA HIS A 330 -9.37 7.39 -1.63
C HIS A 330 -10.38 7.11 -2.75
N GLU A 331 -11.42 6.31 -2.47
CA GLU A 331 -12.43 6.03 -3.50
C GLU A 331 -13.24 7.27 -3.84
N MET A 332 -13.54 8.11 -2.85
CA MET A 332 -14.37 9.26 -3.14
C MET A 332 -13.64 10.23 -4.07
N ALA A 333 -12.37 10.48 -3.80
CA ALA A 333 -11.52 11.25 -4.72
C ALA A 333 -11.66 10.80 -6.18
N HIS A 334 -11.82 9.49 -6.43
CA HIS A 334 -11.86 8.99 -7.80
C HIS A 334 -13.10 9.46 -8.55
N MET A 335 -14.18 9.76 -7.83
CA MET A 335 -15.39 10.25 -8.48
C MET A 335 -15.04 11.34 -9.48
N TRP A 336 -14.25 12.31 -9.04
CA TRP A 336 -13.65 13.32 -9.89
C TRP A 336 -12.50 12.78 -10.73
N PHE A 337 -11.41 12.36 -10.09
CA PHE A 337 -10.17 12.02 -10.78
C PHE A 337 -10.14 10.52 -11.04
N GLY A 338 -10.62 10.14 -12.22
CA GLY A 338 -10.69 8.77 -12.65
C GLY A 338 -12.05 8.47 -13.23
N ASP A 339 -13.10 8.84 -12.51
CA ASP A 339 -14.45 8.56 -12.97
C ASP A 339 -14.99 9.68 -13.86
N LEU A 340 -14.76 10.95 -13.50
CA LEU A 340 -15.22 12.09 -14.28
C LEU A 340 -14.32 12.33 -15.48
N VAL A 341 -13.02 12.36 -15.24
CA VAL A 341 -12.01 12.36 -16.28
C VAL A 341 -11.27 11.05 -16.11
N THR A 342 -11.24 10.24 -17.16
CA THR A 342 -10.63 8.93 -17.12
C THR A 342 -9.42 8.91 -18.03
N MET A 343 -8.48 8.02 -17.74
CA MET A 343 -7.28 7.99 -18.55
C MET A 343 -7.65 7.49 -19.96
N ARG A 344 -6.67 7.56 -20.87
CA ARG A 344 -6.87 7.09 -22.23
C ARG A 344 -6.50 5.62 -22.38
N TRP A 345 -5.36 5.24 -21.81
CA TRP A 345 -4.85 3.87 -21.79
C TRP A 345 -4.27 3.61 -20.41
N TRP A 346 -4.00 2.35 -20.09
CA TRP A 346 -3.71 1.97 -18.71
C TRP A 346 -2.33 2.38 -18.21
N ASP A 347 -1.46 2.93 -19.07
CA ASP A 347 -0.16 3.34 -18.55
C ASP A 347 -0.25 4.60 -17.69
N ASP A 348 -1.43 5.21 -17.59
CA ASP A 348 -1.69 6.24 -16.61
C ASP A 348 -2.34 5.68 -15.36
N LEU A 349 -2.29 4.36 -15.15
CA LEU A 349 -2.91 3.79 -13.97
C LEU A 349 -2.16 4.19 -12.70
N TRP A 350 -0.83 4.34 -12.78
CA TRP A 350 -0.09 4.83 -11.62
C TRP A 350 -0.60 6.21 -11.20
N LEU A 351 -0.92 7.08 -12.17
CA LEU A 351 -1.31 8.45 -11.84
C LEU A 351 -2.68 8.47 -11.22
N ASN A 352 -3.54 7.60 -11.67
CA ASN A 352 -4.86 7.58 -11.17
C ASN A 352 -4.94 7.24 -9.69
N GLU A 353 -4.25 6.20 -9.29
CA GLU A 353 -4.24 5.74 -7.89
C GLU A 353 -3.40 6.67 -7.03
N SER A 354 -2.30 7.18 -7.57
CA SER A 354 -1.42 8.03 -6.83
C SER A 354 -2.04 9.34 -6.42
N PHE A 355 -2.76 9.94 -7.34
CA PHE A 355 -3.42 11.18 -7.11
C PHE A 355 -4.48 11.01 -6.03
N ALA A 356 -5.21 9.92 -6.11
CA ALA A 356 -6.24 9.60 -5.17
C ALA A 356 -5.67 9.37 -3.80
N THR A 357 -4.52 8.73 -3.73
CA THR A 357 -3.88 8.53 -2.48
C THR A 357 -3.54 9.86 -1.85
N TRP A 358 -2.95 10.74 -2.62
CA TRP A 358 -2.62 12.07 -2.12
C TRP A 358 -3.86 12.86 -1.73
N ALA A 359 -4.87 12.87 -2.61
CA ALA A 359 -6.05 13.65 -2.32
C ALA A 359 -6.67 13.19 -1.01
N SER A 360 -6.63 11.90 -0.73
CA SER A 360 -7.29 11.43 0.48
C SER A 360 -6.50 11.76 1.74
N VAL A 361 -5.19 11.95 1.66
CA VAL A 361 -4.47 12.42 2.84
C VAL A 361 -4.70 13.91 3.07
N LEU A 362 -4.74 14.70 1.98
CA LEU A 362 -5.20 16.08 2.04
C LEU A 362 -6.56 16.19 2.72
N ALA A 363 -7.52 15.34 2.31
CA ALA A 363 -8.86 15.40 2.88
C ALA A 363 -8.83 15.05 4.36
N GLN A 364 -8.11 13.99 4.71
CA GLN A 364 -8.00 13.59 6.10
C GLN A 364 -7.50 14.74 6.96
N VAL A 365 -6.42 15.40 6.52
CA VAL A 365 -5.87 16.49 7.31
C VAL A 365 -6.83 17.68 7.32
N GLY A 366 -7.34 18.04 6.20
CA GLY A 366 -8.30 19.10 6.05
C GLY A 366 -9.69 19.00 6.64
N ALA A 367 -10.30 17.83 6.63
CA ALA A 367 -11.63 17.65 7.13
C ALA A 367 -11.97 16.50 8.04
N THR A 368 -11.01 15.76 8.56
CA THR A 368 -11.28 14.64 9.42
C THR A 368 -10.52 14.76 10.71
N GLN A 369 -10.81 13.89 11.66
CA GLN A 369 -10.16 13.90 12.93
C GLN A 369 -8.70 13.56 12.83
N TYR A 370 -8.31 12.92 11.76
CA TYR A 370 -6.96 12.53 11.53
C TYR A 370 -6.09 13.63 10.97
N THR A 371 -5.72 14.55 11.80
CA THR A 371 -4.94 15.69 11.47
C THR A 371 -3.43 15.45 11.44
N ASN A 372 -3.05 14.29 11.80
CA ASN A 372 -1.69 13.80 11.77
C ASN A 372 -1.37 12.93 10.56
N ALA A 373 -2.21 12.97 9.54
CA ALA A 373 -2.13 12.17 8.33
C ALA A 373 -0.87 12.25 7.48
N TRP A 374 -0.28 13.41 7.34
CA TRP A 374 0.97 13.51 6.65
C TRP A 374 2.05 12.76 7.40
N THR A 375 1.97 12.61 8.70
CA THR A 375 2.93 11.84 9.43
C THR A 375 2.82 10.36 9.12
N THR A 376 1.61 9.88 9.05
CA THR A 376 1.31 8.50 8.73
C THR A 376 1.81 8.16 7.35
N PHE A 377 1.61 9.09 6.44
CA PHE A 377 2.01 8.95 5.08
C PHE A 377 3.51 8.84 5.01
N ALA A 378 4.17 9.65 5.76
CA ALA A 378 5.56 9.61 5.80
C ALA A 378 6.13 8.35 6.36
N SER A 379 5.55 7.80 7.39
CA SER A 379 6.09 6.60 7.95
C SER A 379 5.56 5.32 7.42
N VAL A 380 4.52 5.37 6.67
CA VAL A 380 3.99 4.18 6.14
C VAL A 380 4.24 4.09 4.68
N GLU A 381 3.53 4.83 3.86
CA GLU A 381 3.78 4.79 2.44
C GLU A 381 5.07 5.33 1.95
N LYS A 382 5.48 6.45 2.46
CA LYS A 382 6.75 6.97 2.02
C LYS A 382 7.99 6.19 2.40
N SER A 383 7.99 5.73 3.63
CA SER A 383 9.12 4.93 4.16
C SER A 383 9.21 3.66 3.37
N TRP A 384 8.08 3.05 3.08
CA TRP A 384 8.05 1.85 2.29
C TRP A 384 8.55 2.11 0.89
N ALA A 385 8.13 3.19 0.26
CA ALA A 385 8.66 3.54 -1.05
C ALA A 385 10.18 3.65 -1.04
N TYR A 386 10.73 4.35 -0.06
CA TYR A 386 12.18 4.55 0.00
C TYR A 386 12.88 3.22 0.17
N ARG A 387 12.33 2.33 0.99
CA ARG A 387 12.95 1.04 1.21
C ARG A 387 13.03 0.25 -0.09
N GLN A 388 11.93 0.22 -0.84
CA GLN A 388 11.87 -0.51 -2.10
C GLN A 388 12.80 0.09 -3.14
N ASP A 389 12.86 1.41 -3.17
CA ASP A 389 13.57 2.15 -4.19
C ASP A 389 15.08 2.09 -4.01
N GLN A 390 15.56 1.66 -2.84
CA GLN A 390 16.99 1.42 -2.61
C GLN A 390 17.43 -0.02 -2.92
N LEU A 391 16.52 -0.94 -3.12
CA LEU A 391 16.91 -2.30 -3.44
C LEU A 391 17.25 -2.44 -4.93
N PRO A 392 17.93 -3.52 -5.30
CA PRO A 392 18.30 -3.71 -6.72
C PRO A 392 17.11 -4.10 -7.58
N SER A 393 16.02 -4.54 -6.94
CA SER A 393 14.76 -4.81 -7.62
C SER A 393 14.05 -3.56 -8.15
N THR A 394 14.39 -2.38 -7.65
CA THR A 394 13.62 -1.17 -7.92
C THR A 394 13.46 -0.93 -9.42
N HIS A 395 12.41 -0.17 -9.76
CA HIS A 395 12.08 0.23 -11.13
C HIS A 395 11.33 1.56 -11.08
N PRO A 396 11.24 2.27 -12.20
CA PRO A 396 10.58 3.58 -12.18
C PRO A 396 9.08 3.43 -11.93
N VAL A 397 8.43 4.54 -11.57
CA VAL A 397 6.97 4.54 -11.43
C VAL A 397 6.31 4.20 -12.75
N ALA A 398 6.63 4.98 -13.79
CA ALA A 398 5.98 4.89 -15.10
C ALA A 398 6.57 3.77 -15.92
N ALA A 399 5.76 2.77 -16.24
CA ALA A 399 6.17 1.66 -17.09
C ALA A 399 5.42 1.72 -18.41
N ASP A 400 5.99 1.06 -19.41
CA ASP A 400 5.28 0.88 -20.68
C ASP A 400 4.20 -0.19 -20.51
N ILE A 401 2.99 0.12 -20.97
CA ILE A 401 1.91 -0.87 -20.87
C ILE A 401 1.45 -1.26 -22.28
N PRO A 402 2.16 -2.17 -22.94
CA PRO A 402 1.81 -2.49 -24.34
C PRO A 402 0.50 -3.25 -24.51
N ASP A 403 0.08 -4.06 -23.54
CA ASP A 403 -1.18 -4.79 -23.60
C ASP A 403 -1.76 -4.94 -22.19
N LEU A 404 -2.96 -5.51 -22.10
CA LEU A 404 -3.65 -5.64 -20.81
C LEU A 404 -2.88 -6.47 -19.78
N GLN A 405 -2.28 -7.58 -20.23
CA GLN A 405 -1.50 -8.41 -19.31
C GLN A 405 -0.37 -7.62 -18.67
N ALA A 406 0.20 -6.67 -19.42
CA ALA A 406 1.30 -5.85 -18.88
C ALA A 406 0.91 -5.12 -17.60
N VAL A 407 -0.34 -4.78 -17.44
CA VAL A 407 -0.73 -4.01 -16.31
C VAL A 407 -0.48 -4.69 -15.02
N GLU A 408 -0.77 -5.96 -14.97
CA GLU A 408 -0.61 -6.81 -13.83
C GLU A 408 0.79 -7.12 -13.44
N VAL A 409 1.70 -6.99 -14.35
CA VAL A 409 3.07 -7.29 -14.03
C VAL A 409 3.95 -6.07 -13.96
N ASN A 410 3.58 -5.00 -14.62
CA ASN A 410 4.42 -3.85 -14.59
C ASN A 410 4.16 -2.82 -13.52
N PHE A 411 3.05 -2.88 -12.84
CA PHE A 411 2.79 -1.94 -11.79
C PHE A 411 2.66 -2.68 -10.49
N ASP A 412 3.54 -2.41 -9.55
CA ASP A 412 3.51 -3.06 -8.27
C ASP A 412 3.44 -2.10 -7.14
N GLY A 413 3.74 -2.52 -5.94
CA GLY A 413 3.62 -1.64 -4.82
C GLY A 413 4.44 -0.43 -4.88
N ILE A 414 5.65 -0.53 -5.40
CA ILE A 414 6.48 0.62 -5.53
C ILE A 414 5.86 1.58 -6.45
N THR A 415 5.23 1.11 -7.49
CA THR A 415 4.64 2.06 -8.37
C THR A 415 3.72 3.00 -7.62
N TYR A 416 2.84 2.47 -6.82
CA TYR A 416 1.94 3.26 -6.07
C TYR A 416 2.45 4.00 -4.88
N ALA A 417 3.28 3.37 -4.07
CA ALA A 417 3.87 3.98 -2.89
C ALA A 417 4.77 5.13 -3.28
N LYS A 418 5.57 4.95 -4.33
CA LYS A 418 6.43 6.03 -4.82
C LYS A 418 5.66 6.99 -5.70
N GLY A 419 4.70 6.49 -6.47
CA GLY A 419 3.83 7.37 -7.23
C GLY A 419 3.22 8.45 -6.36
N ALA A 420 2.56 8.06 -5.28
CA ALA A 420 1.93 9.04 -4.40
C ALA A 420 2.95 10.03 -3.86
N SER A 421 4.15 9.53 -3.52
CA SER A 421 5.15 10.35 -2.84
C SER A 421 5.73 11.40 -3.77
N VAL A 422 5.88 11.07 -5.04
CA VAL A 422 6.41 12.01 -6.05
C VAL A 422 5.30 12.95 -6.55
N LEU A 423 4.05 12.51 -6.51
CA LEU A 423 2.94 13.42 -6.88
C LEU A 423 2.83 14.42 -5.77
N LYS A 424 3.16 13.99 -4.56
CA LYS A 424 3.13 15.02 -3.54
C LYS A 424 4.15 16.11 -3.82
N GLN A 425 5.31 15.72 -4.34
CA GLN A 425 6.34 16.71 -4.67
C GLN A 425 5.96 17.53 -5.90
N LEU A 426 5.28 16.93 -6.87
CA LEU A 426 4.75 17.73 -7.97
C LEU A 426 3.80 18.80 -7.45
N VAL A 427 2.95 18.44 -6.49
CA VAL A 427 2.06 19.44 -5.88
C VAL A 427 2.87 20.55 -5.23
N ALA A 428 3.89 20.18 -4.45
CA ALA A 428 4.75 21.20 -3.84
C ALA A 428 5.40 22.07 -4.92
N TYR A 429 5.90 21.46 -5.99
CA TYR A 429 6.62 22.24 -7.00
C TYR A 429 5.69 23.21 -7.71
N VAL A 430 4.56 22.73 -8.22
CA VAL A 430 3.55 23.61 -8.82
C VAL A 430 3.03 24.60 -7.78
N GLY A 431 2.91 24.16 -6.53
CA GLY A 431 2.31 24.98 -5.49
C GLY A 431 0.92 24.47 -5.28
N LEU A 432 0.47 24.33 -4.07
CA LEU A 432 -0.83 23.78 -3.85
C LEU A 432 -2.02 24.55 -4.36
N GLU A 433 -2.09 25.82 -4.11
CA GLU A 433 -3.17 26.59 -4.63
C GLU A 433 -3.15 26.62 -6.13
N ASN A 434 -1.99 26.69 -6.76
CA ASN A 434 -1.95 26.58 -8.21
C ASN A 434 -2.47 25.24 -8.66
N PHE A 435 -1.92 24.16 -8.08
CA PHE A 435 -2.29 22.80 -8.44
C PHE A 435 -3.80 22.61 -8.38
N LEU A 436 -4.42 22.93 -7.25
CA LEU A 436 -5.88 22.83 -7.13
C LEU A 436 -6.57 23.67 -8.20
N ALA A 437 -5.94 24.77 -8.60
CA ALA A 437 -6.54 25.65 -9.59
C ALA A 437 -6.52 25.03 -10.97
N GLY A 438 -5.39 24.39 -11.32
CA GLY A 438 -5.32 23.63 -12.56
C GLY A 438 -6.14 22.36 -12.52
N LEU A 439 -6.43 21.84 -11.33
CA LEU A 439 -7.33 20.70 -11.25
C LEU A 439 -8.70 21.05 -11.81
N LYS A 440 -9.18 22.25 -11.46
CA LYS A 440 -10.49 22.69 -11.94
C LYS A 440 -10.48 22.87 -13.45
N VAL A 441 -9.51 23.60 -13.98
CA VAL A 441 -9.33 23.71 -15.42
C VAL A 441 -9.41 22.32 -16.03
N TYR A 442 -8.74 21.35 -15.37
CA TYR A 442 -8.58 20.00 -15.93
C TYR A 442 -9.88 19.22 -15.89
N PHE A 443 -10.59 19.28 -14.75
CA PHE A 443 -11.85 18.58 -14.60
C PHE A 443 -12.95 19.19 -15.49
N ASP A 444 -12.99 20.53 -15.59
CA ASP A 444 -13.92 21.17 -16.52
C ASP A 444 -13.49 20.95 -17.96
N ARG A 445 -12.23 21.22 -18.28
CA ARG A 445 -11.74 21.03 -19.64
C ARG A 445 -12.07 19.63 -20.15
N HIS A 446 -11.89 18.59 -19.32
CA HIS A 446 -11.91 17.20 -19.80
C HIS A 446 -13.05 16.36 -19.25
N ALA A 447 -14.04 16.95 -18.59
CA ALA A 447 -15.07 16.17 -17.92
C ALA A 447 -15.88 15.31 -18.89
N TRP A 448 -16.36 14.17 -18.39
CA TRP A 448 -17.01 13.10 -19.15
C TRP A 448 -16.17 12.62 -20.32
N GLY A 449 -14.87 12.92 -20.33
CA GLY A 449 -13.95 12.52 -21.38
C GLY A 449 -12.68 11.89 -20.83
N ASN A 450 -11.65 11.76 -21.66
CA ASN A 450 -10.38 11.12 -21.30
C ASN A 450 -9.24 12.13 -21.35
N ALA A 451 -8.11 11.75 -20.75
CA ALA A 451 -7.01 12.68 -20.55
C ALA A 451 -5.75 11.91 -20.19
N THR A 452 -4.62 12.42 -20.64
CA THR A 452 -3.31 11.84 -20.35
C THR A 452 -2.63 12.59 -19.22
N LEU A 453 -1.55 12.00 -18.72
CA LEU A 453 -0.62 12.75 -17.89
C LEU A 453 -0.36 14.12 -18.51
N ASP A 454 0.08 14.14 -19.78
CA ASP A 454 0.45 15.42 -20.35
C ASP A 454 -0.72 16.39 -20.41
N ASP A 455 -1.93 15.89 -20.64
CA ASP A 455 -3.11 16.77 -20.57
C ASP A 455 -3.22 17.46 -19.23
N LEU A 456 -2.72 16.82 -18.16
CA LEU A 456 -2.78 17.38 -16.83
C LEU A 456 -1.55 18.22 -16.50
N LEU A 457 -0.36 17.80 -16.90
CA LEU A 457 0.82 18.66 -16.79
C LEU A 457 0.61 20.02 -17.41
N VAL A 458 -0.09 20.07 -18.55
CA VAL A 458 -0.32 21.35 -19.20
C VAL A 458 -1.28 22.20 -18.38
N ALA A 459 -2.43 21.66 -18.00
CA ALA A 459 -3.32 22.38 -17.11
C ALA A 459 -2.55 22.99 -15.94
N LEU A 460 -1.53 22.29 -15.43
CA LEU A 460 -0.78 22.80 -14.28
C LEU A 460 0.19 23.89 -14.70
N GLU A 461 0.86 23.71 -15.84
CA GLU A 461 1.65 24.79 -16.43
C GLU A 461 0.83 26.07 -16.59
N GLU A 462 -0.38 25.94 -17.12
CA GLU A 462 -1.24 27.11 -17.27
C GLU A 462 -1.56 27.73 -15.92
N ALA A 463 -1.74 26.92 -14.88
CA ALA A 463 -2.14 27.49 -13.60
C ALA A 463 -0.98 28.13 -12.84
N SER A 464 0.25 27.71 -13.14
CA SER A 464 1.42 28.24 -12.41
C SER A 464 2.61 28.81 -13.18
N GLY A 465 2.66 28.67 -14.50
CA GLY A 465 3.80 29.16 -15.23
C GLY A 465 5.03 28.28 -15.13
N ARG A 466 4.93 27.14 -14.47
CA ARG A 466 6.07 26.23 -14.42
C ARG A 466 6.19 25.48 -15.74
N ASP A 467 7.40 25.04 -16.03
CA ASP A 467 7.66 24.19 -17.18
C ASP A 467 7.84 22.76 -16.67
N LEU A 468 6.91 21.88 -17.01
CA LEU A 468 6.98 20.51 -16.55
C LEU A 468 7.33 19.55 -17.67
N SER A 469 7.91 20.06 -18.75
CA SER A 469 8.27 19.20 -19.86
C SER A 469 9.33 18.17 -19.46
N TRP A 470 10.18 18.50 -18.52
CA TRP A 470 11.23 17.58 -18.06
C TRP A 470 10.83 16.75 -16.85
N TRP A 471 9.70 17.07 -16.20
CA TRP A 471 9.41 16.51 -14.89
C TRP A 471 9.33 15.00 -14.93
N SER A 472 8.48 14.46 -15.80
CA SER A 472 8.36 13.02 -15.92
C SER A 472 9.70 12.34 -16.18
N ALA A 473 10.58 12.97 -16.97
CA ALA A 473 11.84 12.31 -17.28
C ALA A 473 12.76 12.23 -16.06
N GLN A 474 12.63 13.18 -15.11
CA GLN A 474 13.38 13.13 -13.86
C GLN A 474 12.74 12.21 -12.81
N TRP A 475 11.43 12.26 -12.67
CA TRP A 475 10.79 11.65 -11.52
C TRP A 475 10.05 10.35 -11.86
N LEU A 476 9.43 10.26 -13.02
CA LEU A 476 8.61 9.08 -13.28
C LEU A 476 9.36 7.99 -14.03
N GLN A 477 10.48 8.32 -14.69
CA GLN A 477 11.15 7.37 -15.56
C GLN A 477 12.48 6.88 -15.02
N THR A 478 12.87 7.29 -13.82
CA THR A 478 14.14 6.98 -13.21
C THR A 478 13.90 6.23 -11.92
N THR A 479 14.99 5.85 -11.26
CA THR A 479 14.92 5.14 -10.00
C THR A 479 15.87 5.81 -9.02
N GLY A 480 15.72 5.44 -7.74
CA GLY A 480 16.66 5.84 -6.73
C GLY A 480 16.36 7.19 -6.12
N LEU A 481 17.10 7.48 -5.05
CA LEU A 481 16.89 8.65 -4.21
C LEU A 481 18.08 9.58 -4.31
N ASN A 482 17.83 10.89 -4.26
CA ASN A 482 18.89 11.86 -4.08
C ASN A 482 19.06 12.16 -2.60
N MET A 483 20.31 12.29 -2.17
CA MET A 483 20.63 12.77 -0.84
C MET A 483 20.71 14.28 -0.84
N LEU A 484 20.22 14.89 0.23
CA LEU A 484 20.36 16.33 0.44
C LEU A 484 21.04 16.56 1.78
N ARG A 485 22.25 17.11 1.73
CA ARG A 485 23.02 17.49 2.90
C ARG A 485 23.19 19.00 2.91
N PRO A 486 22.94 19.68 4.02
CA PRO A 486 23.15 21.14 4.04
C PRO A 486 24.60 21.48 4.32
N LYS A 487 25.07 22.54 3.70
CA LYS A 487 26.41 23.06 3.98
C LYS A 487 26.24 24.47 4.53
N LEU A 488 26.68 24.69 5.78
CA LEU A 488 26.35 25.92 6.47
C LEU A 488 27.55 26.43 7.24
N ALA A 489 27.56 27.73 7.47
CA ALA A 489 28.53 28.40 8.28
C ALA A 489 27.84 29.41 9.12
N ILE A 490 28.30 29.58 10.33
CA ILE A 490 27.71 30.55 11.21
C ILE A 490 28.75 31.48 11.80
N ASP A 491 28.22 32.59 12.30
CA ASP A 491 29.05 33.65 12.87
C ASP A 491 29.18 33.46 14.37
N ASP A 492 29.84 34.42 15.01
CA ASP A 492 29.97 34.34 16.46
C ASP A 492 28.66 34.31 17.20
N GLU A 493 27.66 34.97 16.68
CA GLU A 493 26.35 34.96 17.21
C GLU A 493 25.50 33.74 16.85
N GLY A 494 25.97 32.85 15.99
CA GLY A 494 25.17 31.72 15.58
C GLY A 494 24.27 31.99 14.40
N ARG A 495 24.38 33.16 13.78
CA ARG A 495 23.58 33.45 12.61
C ARG A 495 24.29 32.96 11.35
N PHE A 496 23.54 32.35 10.43
CA PHE A 496 24.13 31.81 9.21
C PHE A 496 24.89 32.89 8.48
N THR A 497 26.12 32.59 8.11
CA THR A 497 26.78 33.43 7.14
C THR A 497 26.68 32.86 5.74
N SER A 498 26.38 31.57 5.62
CA SER A 498 26.07 30.97 4.33
C SER A 498 25.40 29.61 4.53
N PHE A 499 24.49 29.28 3.60
CA PHE A 499 23.70 28.06 3.67
C PHE A 499 23.49 27.53 2.25
N SER A 500 23.99 26.33 1.97
CA SER A 500 23.82 25.65 0.69
C SER A 500 23.24 24.27 0.91
N VAL A 501 22.50 23.79 -0.08
CA VAL A 501 21.99 22.42 -0.11
C VAL A 501 22.77 21.65 -1.15
N LEU A 502 23.39 20.55 -0.73
CA LEU A 502 24.18 19.70 -1.61
C LEU A 502 23.35 18.50 -2.01
N GLN A 503 23.12 18.33 -3.31
CA GLN A 503 22.36 17.20 -3.80
C GLN A 503 23.31 16.18 -4.41
N SER A 504 23.13 14.91 -4.05
CA SER A 504 23.94 13.81 -4.55
C SER A 504 23.20 13.09 -5.67
N PRO A 505 23.93 12.39 -6.52
CA PRO A 505 23.35 11.66 -7.63
C PRO A 505 22.38 10.63 -7.17
N ALA A 506 21.36 10.36 -7.93
CA ALA A 506 20.37 9.42 -7.54
C ALA A 506 20.81 8.04 -7.57
N ARG A 507 20.68 7.35 -6.49
CA ARG A 507 21.06 5.99 -6.43
C ARG A 507 20.00 5.20 -5.73
N PRO A 508 19.82 3.98 -6.14
CA PRO A 508 20.50 3.33 -7.23
C PRO A 508 19.88 3.65 -8.55
N GLY A 509 20.65 4.05 -9.50
CA GLY A 509 20.12 4.42 -10.77
C GLY A 509 21.13 5.12 -11.57
N ALA A 510 20.67 5.86 -12.50
CA ALA A 510 21.42 6.65 -13.43
C ALA A 510 22.26 7.73 -12.79
N GLY A 511 21.91 8.21 -11.64
CA GLY A 511 22.73 9.23 -11.04
C GLY A 511 22.41 10.65 -11.44
N GLU A 512 21.16 10.94 -11.84
CA GLU A 512 20.81 12.32 -12.15
C GLU A 512 20.54 13.11 -10.88
N HIS A 513 20.58 14.45 -11.02
CA HIS A 513 20.22 15.40 -9.97
C HIS A 513 18.84 15.92 -10.30
N ARG A 514 17.89 15.77 -9.38
CA ARG A 514 16.53 16.16 -9.69
C ARG A 514 16.31 17.60 -9.26
N THR A 515 15.13 18.11 -9.55
CA THR A 515 14.71 19.45 -9.16
C THR A 515 13.57 19.34 -8.16
N HIS A 516 13.74 19.98 -7.00
CA HIS A 516 12.85 19.85 -5.86
C HIS A 516 12.32 21.21 -5.46
N ARG A 517 11.12 21.23 -4.94
CA ARG A 517 10.61 22.35 -4.17
C ARG A 517 10.60 21.83 -2.74
N LEU A 518 11.45 22.38 -1.89
CA LEU A 518 11.50 21.90 -0.53
C LEU A 518 11.53 23.09 0.43
N ALA A 519 11.20 22.80 1.67
CA ALA A 519 11.21 23.77 2.73
C ALA A 519 12.32 23.42 3.70
N ILE A 520 12.81 24.44 4.38
CA ILE A 520 13.84 24.27 5.38
C ILE A 520 13.29 24.93 6.64
N GLY A 521 13.26 24.19 7.75
CA GLY A 521 12.75 24.68 9.02
C GLY A 521 13.84 24.73 10.08
N ILE A 522 13.81 25.80 10.88
CA ILE A 522 14.70 26.00 12.03
C ILE A 522 13.90 25.78 13.30
N TYR A 523 14.44 25.03 14.24
CA TYR A 523 13.72 24.70 15.46
C TYR A 523 14.53 25.19 16.66
N ASP A 524 13.83 25.78 17.62
CA ASP A 524 14.46 26.33 18.81
C ASP A 524 13.56 26.08 20.01
N ASP A 525 14.12 26.28 21.20
CA ASP A 525 13.34 26.14 22.42
C ASP A 525 12.17 27.12 22.44
N ASP A 526 11.02 26.65 22.84
CA ASP A 526 9.89 27.51 23.04
C ASP A 526 10.11 28.03 24.43
N PRO A 527 10.06 29.32 24.61
CA PRO A 527 10.33 29.84 25.95
C PRO A 527 9.32 29.37 26.98
N ALA A 528 8.05 29.29 26.67
CA ALA A 528 7.13 28.81 27.63
C ALA A 528 7.28 27.38 28.01
N THR A 529 7.47 26.50 27.06
CA THR A 529 7.55 25.11 27.40
C THR A 529 8.90 24.53 27.30
N GLY A 530 9.82 25.21 26.64
CA GLY A 530 11.13 24.65 26.38
C GLY A 530 11.13 23.53 25.35
N GLU A 531 10.11 23.42 24.54
CA GLU A 531 10.00 22.40 23.53
C GLU A 531 10.46 22.91 22.22
N LEU A 532 11.01 22.03 21.43
CA LEU A 532 11.51 22.44 20.12
C LEU A 532 10.33 22.74 19.22
N VAL A 533 10.19 24.00 18.84
CA VAL A 533 9.15 24.46 17.95
C VAL A 533 9.85 25.17 16.79
N ARG A 534 9.14 25.27 15.68
CA ARG A 534 9.74 25.84 14.48
C ARG A 534 9.74 27.34 14.59
N THR A 535 10.93 27.94 14.49
CA THR A 535 11.06 29.37 14.52
C THR A 535 11.32 29.98 13.14
N HIS A 536 11.50 29.16 12.10
CA HIS A 536 11.73 29.73 10.78
C HIS A 536 11.48 28.68 9.70
N ARG A 537 11.00 29.15 8.55
CA ARG A 537 10.67 28.29 7.42
C ARG A 537 10.91 29.06 6.14
N VAL A 538 11.70 28.43 5.29
CA VAL A 538 12.01 28.98 3.95
C VAL A 538 11.65 27.91 2.93
N GLU A 539 11.11 28.29 1.79
CA GLU A 539 10.87 27.37 0.70
C GLU A 539 11.70 27.76 -0.50
N LEU A 540 12.16 26.78 -1.26
CA LEU A 540 12.95 27.11 -2.43
C LEU A 540 12.96 25.94 -3.42
N ASP A 541 13.31 26.25 -4.66
CA ASP A 541 13.63 25.22 -5.65
C ASP A 541 15.08 24.78 -5.46
N VAL A 542 15.29 23.49 -5.30
CA VAL A 542 16.63 22.91 -5.24
C VAL A 542 16.89 22.21 -6.57
N THR A 543 18.08 22.45 -7.12
CA THR A 543 18.41 22.09 -8.48
C THR A 543 19.88 21.73 -8.50
N GLY A 544 20.21 20.78 -9.35
CA GLY A 544 21.63 20.60 -9.53
C GLY A 544 22.32 20.15 -8.26
N GLU A 545 23.64 20.31 -8.26
CA GLU A 545 24.47 19.72 -7.23
C GLU A 545 24.68 20.64 -6.04
N ARG A 546 24.24 21.88 -6.12
CA ARG A 546 24.45 22.85 -5.06
C ARG A 546 23.46 23.98 -5.30
N THR A 547 22.77 24.39 -4.24
CA THR A 547 21.81 25.47 -4.30
C THR A 547 22.02 26.35 -3.07
N GLU A 548 21.97 27.64 -3.22
CA GLU A 548 22.20 28.53 -2.14
C GLU A 548 20.95 28.93 -1.53
N VAL A 549 20.97 29.20 -0.26
CA VAL A 549 19.73 29.59 0.40
C VAL A 549 19.90 30.98 1.01
N PRO A 550 19.83 32.04 0.22
CA PRO A 550 20.13 33.38 0.76
C PRO A 550 19.13 33.84 1.80
N ASP A 551 17.92 33.31 1.80
CA ASP A 551 16.92 33.70 2.80
C ASP A 551 17.31 33.34 4.22
N LEU A 552 18.32 32.49 4.39
CA LEU A 552 18.81 32.10 5.70
C LEU A 552 20.05 32.87 6.13
N VAL A 553 20.69 33.62 5.23
CA VAL A 553 21.86 34.37 5.66
C VAL A 553 21.41 35.40 6.68
N GLY A 554 22.11 35.46 7.80
CA GLY A 554 21.73 36.36 8.87
C GLY A 554 20.71 35.81 9.84
N VAL A 555 20.11 34.65 9.57
CA VAL A 555 19.11 34.05 10.45
C VAL A 555 19.80 33.19 11.50
N HIS A 556 19.29 33.20 12.71
CA HIS A 556 19.91 32.39 13.74
C HIS A 556 19.66 30.91 13.46
N ARG A 557 20.66 30.09 13.70
CA ARG A 557 20.54 28.69 13.28
C ARG A 557 19.75 27.79 14.23
N GLY A 558 19.17 28.33 15.30
CA GLY A 558 18.39 27.54 16.25
C GLY A 558 19.11 26.30 16.71
N LYS A 559 18.37 25.29 17.14
CA LYS A 559 18.99 24.05 17.60
C LYS A 559 18.91 22.87 16.66
N LEU A 560 18.07 22.98 15.67
CA LEU A 560 17.84 21.94 14.76
C LEU A 560 17.57 22.53 13.41
N VAL A 561 18.31 22.13 12.40
CA VAL A 561 18.04 22.60 11.06
C VAL A 561 17.49 21.42 10.28
N LEU A 562 16.27 21.57 9.75
CA LEU A 562 15.61 20.45 9.02
C LEU A 562 15.35 20.75 7.54
N VAL A 563 16.16 20.18 6.65
CA VAL A 563 15.92 20.33 5.19
C VAL A 563 14.80 19.33 4.84
N ASN A 564 14.07 19.56 3.76
CA ASN A 564 12.92 18.67 3.42
C ASN A 564 11.93 18.68 4.59
N ASP A 565 11.71 19.84 5.22
CA ASP A 565 10.69 19.94 6.30
C ASP A 565 9.31 19.96 5.63
N ASP A 566 8.28 19.39 6.26
CA ASP A 566 6.95 19.30 5.63
C ASP A 566 6.93 18.12 4.66
N ASP A 567 8.05 17.44 4.55
CA ASP A 567 8.15 16.24 3.79
C ASP A 567 7.59 16.43 2.41
N LEU A 568 7.95 17.51 1.80
CA LEU A 568 7.42 17.91 0.49
C LEU A 568 8.16 17.16 -0.62
N THR A 569 9.39 16.71 -0.40
CA THR A 569 10.09 16.06 -1.51
C THR A 569 10.58 14.67 -1.14
N TYR A 570 11.05 13.97 -2.18
CA TYR A 570 11.38 12.55 -2.12
C TYR A 570 12.90 12.38 -2.18
N CYS A 571 13.51 12.18 -1.01
CA CYS A 571 14.95 12.21 -0.92
C CYS A 571 15.40 11.49 0.34
N THR A 572 16.69 11.55 0.56
CA THR A 572 17.39 11.07 1.71
C THR A 572 18.00 12.30 2.31
N MET A 573 17.78 12.49 3.60
CA MET A 573 18.24 13.74 4.23
C MET A 573 19.32 13.46 5.26
N ARG A 574 20.17 14.43 5.49
CA ARG A 574 21.21 14.36 6.47
C ARG A 574 21.07 15.54 7.38
N LEU A 575 21.45 15.36 8.62
CA LEU A 575 21.44 16.42 9.61
C LEU A 575 22.84 16.97 9.78
N ASP A 576 22.98 18.28 9.99
CA ASP A 576 24.32 18.80 10.25
C ASP A 576 24.82 18.26 11.58
N PRO A 577 26.11 18.41 11.89
CA PRO A 577 26.64 17.82 13.12
C PRO A 577 26.03 18.40 14.39
N GLN A 578 25.86 19.68 14.47
CA GLN A 578 25.27 20.26 15.62
C GLN A 578 23.81 19.88 15.81
N SER A 579 23.00 19.94 14.80
CA SER A 579 21.63 19.45 14.90
C SER A 579 21.60 17.98 15.27
N LEU A 580 22.58 17.22 14.83
CA LEU A 580 22.53 15.80 15.14
C LEU A 580 22.73 15.57 16.64
N ALA A 581 23.65 16.29 17.26
CA ALA A 581 23.93 16.13 18.67
C ALA A 581 22.75 16.49 19.57
N THR A 582 22.05 17.52 19.18
CA THR A 582 20.87 17.99 19.84
C THR A 582 19.80 16.94 19.80
N LEU A 583 19.63 16.29 18.69
CA LEU A 583 18.61 15.30 18.57
C LEU A 583 18.75 14.17 19.52
N ILE A 584 19.96 13.70 19.76
CA ILE A 584 20.13 12.57 20.62
C ILE A 584 19.51 12.76 21.97
N ASP A 585 19.66 13.93 22.52
CA ASP A 585 19.11 14.25 23.77
C ASP A 585 17.80 14.98 23.77
N ARG A 586 17.33 15.44 22.63
CA ARG A 586 16.08 16.14 22.57
C ARG A 586 15.05 15.78 21.56
N ILE A 587 15.06 14.58 21.03
CA ILE A 587 14.09 14.24 19.99
C ILE A 587 12.67 14.29 20.51
N ALA A 588 12.40 13.70 21.68
CA ALA A 588 11.00 13.67 22.14
C ALA A 588 10.45 15.07 22.41
N ASP A 589 11.26 16.07 22.53
CA ASP A 589 10.78 17.38 22.78
C ASP A 589 10.32 18.08 21.57
N ILE A 590 10.42 17.48 20.42
CA ILE A 590 10.00 18.14 19.18
C ILE A 590 8.48 18.14 19.16
N GLN A 591 7.88 19.32 19.04
CA GLN A 591 6.47 19.41 19.39
C GLN A 591 5.60 18.75 18.36
N GLU A 592 5.86 19.00 17.09
CA GLU A 592 5.11 18.45 15.98
C GLU A 592 5.50 17.06 15.57
N SER A 593 4.59 16.23 15.12
CA SER A 593 4.92 14.85 14.84
C SER A 593 5.60 14.68 13.50
N LEU A 594 5.30 15.51 12.50
CA LEU A 594 5.95 15.32 11.20
C LEU A 594 7.43 15.61 11.28
N PRO A 595 7.88 16.75 11.82
CA PRO A 595 9.32 16.94 11.97
C PRO A 595 9.95 15.85 12.82
N ARG A 596 9.27 15.46 13.90
CA ARG A 596 9.82 14.44 14.78
C ARG A 596 9.92 13.09 14.08
N ALA A 597 9.02 12.81 13.12
CA ALA A 597 9.09 11.55 12.37
C ALA A 597 10.19 11.58 11.33
N LEU A 598 10.42 12.75 10.70
CA LEU A 598 11.53 12.86 9.76
C LEU A 598 12.86 12.61 10.45
N CYS A 599 13.02 13.07 11.70
CA CYS A 599 14.30 12.90 12.39
C CYS A 599 14.50 11.45 12.80
N TRP A 600 13.44 10.79 13.26
CA TRP A 600 13.54 9.37 13.47
C TRP A 600 14.05 8.68 12.21
N SER A 601 13.49 9.07 11.06
CA SER A 601 13.91 8.51 9.78
C SER A 601 15.36 8.85 9.47
N THR A 602 15.69 10.14 9.50
CA THR A 602 17.04 10.58 9.19
C THR A 602 18.08 9.97 10.11
N ALA A 603 17.78 9.83 11.41
CA ALA A 603 18.76 9.24 12.31
C ALA A 603 19.04 7.79 11.94
N TRP A 604 18.01 7.05 11.52
CA TRP A 604 18.25 5.66 11.16
C TRP A 604 19.07 5.57 9.88
N GLU A 605 18.74 6.40 8.88
CA GLU A 605 19.50 6.37 7.64
C GLU A 605 20.95 6.77 7.88
N MET A 606 21.18 7.71 8.76
CA MET A 606 22.57 8.06 9.09
C MET A 606 23.24 6.91 9.88
N THR A 607 22.48 6.09 10.60
CA THR A 607 23.09 4.93 11.25
C THR A 607 23.45 3.86 10.22
N ARG A 608 22.62 3.65 9.22
CA ARG A 608 22.85 2.70 8.17
C ARG A 608 24.07 3.07 7.36
N GLU A 609 24.28 4.35 7.19
CA GLU A 609 25.37 4.89 6.44
C GLU A 609 26.62 5.26 7.22
N ALA A 610 26.70 4.89 8.49
CA ALA A 610 27.91 5.15 9.27
C ALA A 610 28.20 6.64 9.42
N GLU A 611 27.15 7.43 9.65
CA GLU A 611 27.34 8.80 10.13
C GLU A 611 26.74 9.04 11.50
N LEU A 612 25.87 8.16 11.97
CA LEU A 612 25.38 8.18 13.33
C LEU A 612 25.84 6.89 14.00
N LYS A 613 26.67 7.00 15.04
CA LYS A 613 27.18 5.81 15.72
C LYS A 613 26.00 4.96 16.18
N ALA A 614 26.14 3.64 16.06
CA ALA A 614 25.05 2.75 16.44
C ALA A 614 24.65 2.95 17.90
N ARG A 615 25.61 3.05 18.79
CA ARG A 615 25.35 3.24 20.19
C ARG A 615 24.61 4.53 20.43
N ASP A 616 24.88 5.52 19.61
CA ASP A 616 24.21 6.81 19.76
C ASP A 616 22.79 6.79 19.21
N PHE A 617 22.50 5.89 18.27
CA PHE A 617 21.11 5.72 17.85
C PHE A 617 20.30 5.08 18.95
N VAL A 618 20.86 4.05 19.60
CA VAL A 618 20.20 3.40 20.72
C VAL A 618 19.96 4.39 21.85
N SER A 619 20.91 5.29 22.08
CA SER A 619 20.71 6.35 23.08
C SER A 619 19.66 7.35 22.64
N LEU A 620 19.60 7.66 21.34
CA LEU A 620 18.50 8.46 20.82
C LEU A 620 17.16 7.80 21.16
N VAL A 621 17.06 6.53 20.83
CA VAL A 621 15.87 5.75 21.06
C VAL A 621 15.46 5.51 22.49
N LEU A 622 16.41 5.17 23.34
CA LEU A 622 16.03 4.80 24.72
C LEU A 622 15.65 6.07 25.50
N GLY A 623 16.43 7.10 25.34
CA GLY A 623 16.14 8.35 26.03
C GLY A 623 16.64 8.36 27.46
N SER A 624 16.44 9.49 28.14
CA SER A 624 16.78 9.58 29.58
C SER A 624 15.79 8.76 30.39
N SER A 625 14.52 8.75 29.97
CA SER A 625 13.48 8.10 30.78
C SER A 625 12.48 7.44 29.85
N PRO A 626 11.55 6.61 30.35
CA PRO A 626 10.49 6.07 29.52
C PRO A 626 9.56 7.19 29.05
N THR A 627 9.83 8.43 29.47
CA THR A 627 9.03 9.56 29.00
C THR A 627 9.78 10.38 27.95
N THR A 628 10.97 9.95 27.55
CA THR A 628 11.77 10.58 26.51
C THR A 628 12.21 9.52 25.51
N GLY A 629 12.78 9.96 24.39
CA GLY A 629 13.03 9.01 23.32
C GLY A 629 11.73 8.45 22.76
N ILE A 630 11.79 7.18 22.36
CA ILE A 630 10.64 6.54 21.73
C ILE A 630 9.52 6.34 22.74
N GLY A 631 9.88 6.22 24.03
CA GLY A 631 8.85 6.14 25.05
C GLY A 631 7.85 7.25 24.94
N ALA A 632 8.25 8.39 24.36
CA ALA A 632 7.38 9.55 24.24
C ALA A 632 6.68 9.67 22.89
N GLU A 633 6.90 8.75 21.95
CA GLU A 633 6.38 8.93 20.61
C GLU A 633 4.89 8.61 20.56
N SER A 634 4.09 9.62 20.21
CA SER A 634 2.65 9.43 20.05
C SER A 634 2.29 8.50 18.89
N GLU A 635 3.11 8.47 17.84
CA GLU A 635 2.77 7.75 16.58
C GLU A 635 3.14 6.27 16.59
N ILE A 636 2.14 5.41 16.47
CA ILE A 636 2.33 3.96 16.47
C ILE A 636 3.15 3.42 15.33
N GLY A 637 2.98 3.95 14.14
CA GLY A 637 3.79 3.51 13.04
C GLY A 637 5.27 3.73 13.29
N VAL A 638 5.63 4.93 13.70
CA VAL A 638 6.99 5.29 13.99
C VAL A 638 7.59 4.52 15.14
N VAL A 639 6.82 4.27 16.16
CA VAL A 639 7.29 3.45 17.26
C VAL A 639 7.62 2.04 16.77
N GLN A 640 6.78 1.46 15.94
CA GLN A 640 7.06 0.13 15.46
C GLN A 640 8.32 0.03 14.62
N ARG A 641 8.49 0.94 13.69
CA ARG A 641 9.65 1.00 12.88
C ARG A 641 10.93 1.25 13.65
N VAL A 642 10.89 2.17 14.58
CA VAL A 642 12.03 2.48 15.40
C VAL A 642 12.41 1.34 16.28
N LEU A 643 11.46 0.68 16.87
CA LEU A 643 11.75 -0.45 17.69
C LEU A 643 12.40 -1.58 16.92
N LEU A 644 11.91 -1.81 15.72
CA LEU A 644 12.46 -2.78 14.83
C LEU A 644 13.84 -2.41 14.38
N GLN A 645 14.04 -1.14 14.05
CA GLN A 645 15.33 -0.68 13.62
C GLN A 645 16.33 -0.66 14.72
N THR A 646 15.88 -0.47 15.95
CA THR A 646 16.77 -0.47 17.09
C THR A 646 17.33 -1.85 17.33
N GLN A 647 16.48 -2.85 17.26
CA GLN A 647 16.94 -4.22 17.31
C GLN A 647 18.00 -4.47 16.25
N THR A 648 17.75 -4.01 15.02
CA THR A 648 18.71 -4.20 13.93
C THR A 648 20.03 -3.53 14.25
N ALA A 649 19.99 -2.37 14.90
CA ALA A 649 21.24 -1.69 15.25
C ALA A 649 21.98 -2.44 16.33
N LEU A 650 21.26 -3.06 17.25
CA LEU A 650 21.89 -3.85 18.30
C LEU A 650 22.58 -5.11 17.83
N ALA A 651 21.90 -5.88 17.01
CA ALA A 651 22.42 -7.07 16.44
C ALA A 651 23.51 -6.88 15.41
N SER A 652 23.41 -5.88 14.57
CA SER A 652 24.39 -5.74 13.51
C SER A 652 25.30 -4.55 13.44
N TYR A 653 24.86 -3.40 13.87
CA TYR A 653 25.68 -2.23 13.75
C TYR A 653 26.47 -1.90 14.98
N ALA A 654 26.04 -2.38 16.12
CA ALA A 654 26.70 -2.09 17.40
C ALA A 654 27.97 -2.84 17.54
N ASP A 655 28.86 -2.39 18.41
CA ASP A 655 30.09 -3.19 18.47
C ASP A 655 30.00 -4.28 19.54
N PRO A 656 30.57 -5.46 19.29
CA PRO A 656 30.45 -6.57 20.24
C PRO A 656 30.76 -6.20 21.68
N ALA A 657 31.80 -5.40 21.91
CA ALA A 657 32.11 -4.97 23.28
C ALA A 657 30.90 -4.29 23.92
N TRP A 658 30.23 -3.39 23.18
CA TRP A 658 29.16 -2.58 23.75
C TRP A 658 27.78 -3.23 23.68
N GLN A 659 27.64 -4.27 22.88
CA GLN A 659 26.42 -4.98 22.52
C GLN A 659 25.72 -5.71 23.66
N PRO A 660 26.45 -6.29 24.60
CA PRO A 660 25.79 -6.98 25.70
C PRO A 660 25.07 -6.02 26.57
N GLU A 661 25.71 -4.89 26.81
CA GLU A 661 25.08 -3.82 27.56
C GLU A 661 23.92 -3.26 26.79
N GLY A 662 24.08 -3.14 25.48
CA GLY A 662 23.06 -2.53 24.69
C GLY A 662 21.75 -3.24 24.78
N TRP A 663 21.81 -4.55 24.71
CA TRP A 663 20.62 -5.36 24.78
C TRP A 663 19.93 -5.23 26.12
N ARG A 664 20.70 -5.19 27.21
CA ARG A 664 20.16 -5.07 28.56
C ARG A 664 19.47 -3.74 28.76
N ARG A 665 20.06 -2.69 28.24
CA ARG A 665 19.47 -1.40 28.33
C ARG A 665 18.18 -1.35 27.55
N PHE A 666 18.18 -1.96 26.37
CA PHE A 666 16.98 -2.00 25.55
C PHE A 666 15.88 -2.86 26.10
N ALA A 667 16.15 -4.10 26.46
CA ALA A 667 15.12 -4.92 27.08
C ALA A 667 14.66 -4.34 28.41
N GLY A 668 15.57 -3.73 29.17
CA GLY A 668 15.16 -2.98 30.34
C GLY A 668 14.11 -1.93 30.02
N ARG A 669 14.33 -1.17 28.94
CA ARG A 669 13.40 -0.10 28.62
C ARG A 669 12.11 -0.62 28.00
N LEU A 670 12.21 -1.62 27.11
CA LEU A 670 10.99 -2.24 26.60
C LEU A 670 10.05 -2.61 27.74
N LEU A 671 10.59 -3.23 28.76
CA LEU A 671 9.78 -3.68 29.86
C LEU A 671 9.09 -2.56 30.61
N GLU A 672 9.78 -1.49 30.93
CA GLU A 672 9.14 -0.40 31.57
C GLU A 672 8.10 0.27 30.70
N LEU A 673 8.41 0.40 29.43
CA LEU A 673 7.54 1.05 28.50
C LEU A 673 6.24 0.37 28.36
N ALA A 674 6.25 -0.94 28.42
CA ALA A 674 5.06 -1.78 28.36
C ALA A 674 4.30 -1.77 29.68
N ARG A 675 5.02 -1.75 30.80
CA ARG A 675 4.36 -1.63 32.09
C ARG A 675 3.94 -0.21 32.43
N ALA A 676 3.91 0.64 31.42
CA ALA A 676 3.44 2.00 31.56
C ALA A 676 2.42 2.36 30.52
N ALA A 677 2.28 1.52 29.52
CA ALA A 677 1.41 1.90 28.40
C ALA A 677 -0.06 1.68 28.71
N GLU A 678 -0.92 2.29 27.90
CA GLU A 678 -2.38 2.18 28.09
C GLU A 678 -2.76 0.71 27.93
N PRO A 679 -3.82 0.21 28.60
CA PRO A 679 -4.09 -1.21 28.62
C PRO A 679 -4.40 -2.01 27.35
N GLY A 680 -5.23 -1.54 26.45
CA GLY A 680 -5.42 -2.32 25.22
C GLY A 680 -4.72 -1.60 24.11
N SER A 681 -3.80 -0.75 24.50
CA SER A 681 -3.14 0.14 23.53
C SER A 681 -2.22 -0.60 22.58
N ASP A 682 -2.13 -0.08 21.37
CA ASP A 682 -1.20 -0.56 20.37
C ASP A 682 0.19 -0.37 20.88
N HIS A 683 0.40 0.71 21.55
CA HIS A 683 1.69 0.93 22.09
C HIS A 683 2.06 -0.15 23.08
N GLN A 684 1.14 -0.55 23.92
CA GLN A 684 1.44 -1.61 24.84
C GLN A 684 1.73 -2.88 24.11
N LEU A 685 0.95 -3.19 23.10
CA LEU A 685 1.20 -4.34 22.33
C LEU A 685 2.53 -4.23 21.63
N ALA A 686 2.82 -3.07 21.05
CA ALA A 686 4.10 -2.86 20.35
C ALA A 686 5.27 -3.16 21.27
N PHE A 687 5.21 -2.70 22.51
CA PHE A 687 6.32 -2.95 23.41
C PHE A 687 6.45 -4.42 23.78
N VAL A 688 5.32 -5.13 23.90
CA VAL A 688 5.40 -6.57 24.10
C VAL A 688 6.09 -7.24 22.92
N ASN A 689 5.56 -7.03 21.70
CA ASN A 689 6.11 -7.68 20.51
C ASN A 689 7.60 -7.39 20.31
N SER A 690 8.02 -6.21 20.67
CA SER A 690 9.39 -5.90 20.60
C SER A 690 10.18 -6.66 21.64
N LEU A 691 9.69 -6.69 22.87
CA LEU A 691 10.31 -7.50 23.91
C LEU A 691 10.39 -8.95 23.47
N ALA A 692 9.38 -9.43 22.73
CA ALA A 692 9.37 -10.82 22.30
C ALA A 692 10.59 -11.15 21.45
N GLY A 693 10.87 -10.31 20.46
CA GLY A 693 12.00 -10.48 19.58
C GLY A 693 13.33 -9.99 20.12
N SER A 694 13.36 -9.50 21.35
CA SER A 694 14.58 -8.97 21.90
C SER A 694 15.38 -10.08 22.58
N VAL A 695 16.50 -9.69 23.15
CA VAL A 695 17.37 -10.57 23.88
C VAL A 695 17.13 -10.18 25.31
N LEU A 696 16.74 -11.13 26.11
CA LEU A 696 16.37 -10.84 27.45
C LEU A 696 17.26 -11.19 28.60
N GLY A 697 17.00 -10.50 29.70
CA GLY A 697 17.65 -10.70 30.98
C GLY A 697 16.76 -11.47 31.93
N GLU A 698 17.14 -11.60 33.20
CA GLU A 698 16.30 -12.36 34.11
C GLU A 698 14.94 -11.76 34.34
N GLU A 699 14.83 -10.49 34.61
CA GLU A 699 13.52 -9.98 34.78
C GLU A 699 12.68 -10.06 33.58
N GLN A 700 13.27 -9.87 32.44
CA GLN A 700 12.42 -9.85 31.28
C GLN A 700 11.74 -11.18 31.10
N ILE A 701 12.51 -12.24 31.23
CA ILE A 701 11.99 -13.59 31.11
C ILE A 701 10.98 -13.86 32.21
N SER A 702 11.26 -13.36 33.41
CA SER A 702 10.37 -13.48 34.54
C SER A 702 9.02 -12.86 34.24
N ALA A 703 8.97 -11.60 33.87
CA ALA A 703 7.70 -11.00 33.58
C ALA A 703 6.97 -11.57 32.42
N MET A 704 7.70 -11.88 31.40
CA MET A 704 7.14 -12.45 30.21
C MET A 704 6.54 -13.78 30.45
N ARG A 705 7.20 -14.59 31.27
CA ARG A 705 6.73 -15.90 31.64
C ARG A 705 5.45 -15.72 32.42
N GLY A 706 5.41 -14.74 33.29
CA GLY A 706 4.20 -14.46 33.98
C GLY A 706 3.07 -14.08 33.06
N TRP A 707 3.35 -13.43 31.94
CA TRP A 707 2.25 -12.93 31.08
C TRP A 707 1.52 -14.07 30.37
N LEU A 708 2.26 -15.07 29.90
CA LEU A 708 1.65 -16.27 29.23
C LEU A 708 0.77 -16.97 30.26
N ASP A 709 1.24 -17.06 31.50
CA ASP A 709 0.43 -17.61 32.60
C ASP A 709 -0.43 -16.45 33.08
N GLY A 710 -1.27 -16.65 34.08
CA GLY A 710 -2.00 -15.52 34.65
C GLY A 710 -1.36 -15.24 35.97
N THR A 711 -0.11 -15.68 36.10
CA THR A 711 0.58 -15.56 37.41
C THR A 711 0.61 -14.08 37.74
N ALA A 712 0.93 -13.25 36.75
CA ALA A 712 0.97 -11.78 36.93
C ALA A 712 0.61 -11.14 35.60
N PRO A 713 -0.66 -11.15 35.19
CA PRO A 713 -0.99 -10.64 33.87
C PRO A 713 -0.69 -9.14 33.78
N LEU A 714 -0.20 -8.67 32.62
CA LEU A 714 -0.04 -7.25 32.43
C LEU A 714 -1.43 -6.83 32.12
N GLU A 715 -1.93 -5.83 32.79
CA GLU A 715 -3.29 -5.45 32.56
C GLU A 715 -3.66 -4.85 31.23
N GLY A 716 -4.70 -5.42 30.66
CA GLY A 716 -5.26 -5.00 29.43
C GLY A 716 -4.60 -5.77 28.34
N LEU A 717 -3.49 -6.39 28.66
CA LEU A 717 -2.78 -7.15 27.63
C LEU A 717 -3.49 -8.48 27.39
N THR A 718 -4.28 -8.49 26.35
CA THR A 718 -5.00 -9.62 25.91
C THR A 718 -4.04 -10.59 25.27
N VAL A 719 -4.08 -11.84 25.65
CA VAL A 719 -3.17 -12.75 25.02
C VAL A 719 -3.85 -13.73 24.10
N ASP A 720 -3.71 -13.44 22.82
CA ASP A 720 -4.30 -14.31 21.80
C ASP A 720 -3.26 -15.37 21.50
N THR A 721 -3.57 -16.24 20.56
CA THR A 721 -2.67 -17.35 20.22
C THR A 721 -1.36 -16.78 19.69
N ASP A 722 -1.50 -15.81 18.79
CA ASP A 722 -0.32 -15.19 18.15
C ASP A 722 0.60 -14.68 19.25
N LEU A 723 0.08 -13.83 20.13
CA LEU A 723 0.95 -13.27 21.18
C LEU A 723 1.44 -14.41 22.05
N ARG A 724 0.59 -15.38 22.37
CA ARG A 724 1.00 -16.46 23.28
C ARG A 724 2.14 -17.20 22.61
N TRP A 725 1.98 -17.46 21.34
CA TRP A 725 3.00 -18.22 20.60
C TRP A 725 4.30 -17.41 20.60
N GLY A 726 4.23 -16.09 20.38
CA GLY A 726 5.43 -15.23 20.35
C GLY A 726 6.12 -15.21 21.69
N LEU A 727 5.35 -15.12 22.75
CA LEU A 727 5.92 -15.10 24.11
C LEU A 727 6.62 -16.43 24.36
N LEU A 728 6.01 -17.53 23.94
CA LEU A 728 6.62 -18.86 24.16
C LEU A 728 7.89 -18.95 23.32
N GLN A 729 7.85 -18.40 22.12
CA GLN A 729 8.99 -18.47 21.21
C GLN A 729 10.10 -17.69 21.90
N ALA A 730 9.73 -16.63 22.61
CA ALA A 730 10.77 -15.94 23.35
C ALA A 730 11.24 -16.77 24.53
N LEU A 731 10.33 -17.43 25.21
CA LEU A 731 10.74 -18.26 26.32
C LEU A 731 11.61 -19.41 25.90
N VAL A 732 11.17 -20.12 24.88
CA VAL A 732 11.87 -21.28 24.38
C VAL A 732 13.23 -20.94 23.83
N ALA A 733 13.36 -19.77 23.27
CA ALA A 733 14.59 -19.30 22.67
C ALA A 733 15.67 -19.00 23.68
N HIS A 734 15.29 -18.79 24.92
CA HIS A 734 16.24 -18.50 25.96
C HIS A 734 16.45 -19.64 26.92
N GLY A 735 15.86 -20.79 26.64
CA GLY A 735 15.99 -21.95 27.50
C GLY A 735 15.02 -22.03 28.66
N ALA A 736 14.28 -20.97 28.88
CA ALA A 736 13.27 -20.83 29.89
C ALA A 736 12.10 -21.74 29.63
N ALA A 737 11.93 -22.11 28.39
CA ALA A 737 10.87 -23.06 28.08
C ALA A 737 11.43 -24.15 27.17
N GLY A 738 11.11 -25.41 27.46
CA GLY A 738 11.61 -26.55 26.68
C GLY A 738 10.64 -27.06 25.63
N GLU A 739 10.95 -28.21 25.05
CA GLU A 739 10.10 -28.80 23.99
C GLU A 739 8.72 -29.10 24.58
N ALA A 740 8.70 -29.54 25.84
CA ALA A 740 7.42 -29.91 26.44
C ALA A 740 6.50 -28.69 26.46
N GLU A 741 7.07 -27.53 26.79
CA GLU A 741 6.21 -26.33 26.92
C GLU A 741 5.59 -26.05 25.55
N ILE A 742 6.39 -26.17 24.50
CA ILE A 742 5.89 -25.89 23.13
C ILE A 742 4.81 -26.91 22.87
N ASP A 743 5.10 -28.14 23.25
CA ASP A 743 4.24 -29.22 22.88
C ASP A 743 2.82 -29.02 23.44
N ALA A 744 2.72 -28.61 24.68
CA ALA A 744 1.42 -28.35 25.26
C ALA A 744 0.68 -27.26 24.54
N GLU A 745 1.36 -26.21 24.10
CA GLU A 745 0.67 -25.14 23.39
C GLU A 745 0.18 -25.68 22.09
N LEU A 746 0.83 -26.70 21.58
CA LEU A 746 0.31 -27.30 20.38
C LEU A 746 -1.03 -27.96 20.71
N GLU A 747 -1.17 -28.59 21.87
CA GLU A 747 -2.48 -29.11 22.23
C GLU A 747 -3.48 -27.98 22.34
N ARG A 748 -3.11 -26.83 22.88
CA ARG A 748 -4.09 -25.76 22.96
C ARG A 748 -4.53 -25.32 21.59
N ASP A 749 -3.61 -25.24 20.64
CA ASP A 749 -4.07 -24.87 19.33
C ASP A 749 -3.43 -25.63 18.17
N GLN A 750 -4.19 -26.37 17.39
CA GLN A 750 -3.56 -26.97 16.22
C GLN A 750 -4.16 -26.41 14.94
N THR A 751 -3.37 -25.66 14.20
CA THR A 751 -3.88 -25.08 12.98
C THR A 751 -2.79 -24.99 11.98
N ALA A 752 -3.17 -24.75 10.74
CA ALA A 752 -2.15 -24.63 9.70
C ALA A 752 -1.14 -23.57 10.13
N THR A 753 -1.63 -22.44 10.63
CA THR A 753 -0.81 -21.41 11.18
C THR A 753 -0.12 -21.99 12.42
N GLY A 754 -0.87 -22.71 13.24
CA GLY A 754 -0.30 -23.20 14.47
C GLY A 754 0.86 -24.13 14.30
N ARG A 755 0.84 -25.00 13.31
CA ARG A 755 1.97 -25.89 13.15
C ARG A 755 3.18 -25.09 12.77
N ARG A 756 2.98 -24.12 11.93
CA ARG A 756 4.12 -23.33 11.61
C ARG A 756 4.61 -22.63 12.85
N ARG A 757 3.72 -21.98 13.58
CA ARG A 757 4.15 -21.28 14.76
C ARG A 757 4.90 -22.21 15.73
N ALA A 758 4.46 -23.45 15.92
CA ALA A 758 5.15 -24.44 16.74
C ALA A 758 6.47 -24.87 16.16
N GLU A 759 6.49 -25.05 14.86
CA GLU A 759 7.70 -25.38 14.18
C GLU A 759 8.75 -24.27 14.34
N ARG A 760 8.33 -23.01 14.28
CA ARG A 760 9.32 -21.94 14.53
C ARG A 760 9.90 -22.06 15.95
N ALA A 761 9.03 -22.34 16.90
CA ALA A 761 9.49 -22.50 18.25
C ALA A 761 10.46 -23.64 18.39
N ARG A 762 10.23 -24.75 17.71
CA ARG A 762 11.13 -25.90 17.79
C ARG A 762 12.48 -25.53 17.29
N SER A 763 12.56 -24.73 16.24
CA SER A 763 13.88 -24.38 15.66
C SER A 763 14.66 -23.44 16.59
N LEU A 764 13.97 -22.62 17.38
CA LEU A 764 14.63 -21.59 18.24
C LEU A 764 15.39 -22.17 19.42
N ILE A 765 15.04 -23.36 19.89
CA ILE A 765 15.65 -23.90 21.13
C ILE A 765 17.16 -23.79 21.01
N PRO A 766 17.86 -23.28 22.03
CA PRO A 766 19.28 -23.05 21.88
C PRO A 766 20.22 -24.24 22.06
N THR A 767 20.16 -25.25 21.18
CA THR A 767 21.14 -26.36 21.31
C THR A 767 21.67 -26.81 19.94
N PRO A 768 22.98 -27.12 19.76
CA PRO A 768 23.50 -27.45 18.45
C PRO A 768 22.63 -28.58 17.91
N GLU A 769 22.22 -29.48 18.77
CA GLU A 769 21.40 -30.63 18.34
C GLU A 769 20.10 -30.11 17.72
N ALA A 770 19.46 -29.16 18.39
CA ALA A 770 18.20 -28.61 17.87
C ALA A 770 18.48 -27.87 16.57
N LYS A 771 19.55 -27.09 16.55
CA LYS A 771 19.93 -26.35 15.33
C LYS A 771 20.30 -27.37 14.26
N GLU A 772 21.06 -28.40 14.62
CA GLU A 772 21.53 -29.39 13.61
C GLU A 772 20.30 -30.00 12.98
N LYS A 773 19.31 -30.27 13.83
CA LYS A 773 18.11 -30.92 13.30
C LYS A 773 17.57 -29.92 12.27
N ALA A 774 17.45 -28.67 12.65
CA ALA A 774 16.82 -27.70 11.72
C ALA A 774 17.62 -27.57 10.44
N TRP A 775 18.94 -27.41 10.49
CA TRP A 775 19.63 -27.20 9.20
C TRP A 775 19.24 -28.31 8.27
N GLN A 776 19.25 -29.55 8.76
CA GLN A 776 19.01 -30.60 7.79
C GLN A 776 17.55 -30.69 7.39
N ARG A 777 16.70 -30.60 8.39
CA ARG A 777 15.28 -30.63 8.23
C ARG A 777 14.83 -29.48 7.39
N ALA A 778 15.46 -28.36 7.61
CA ALA A 778 15.13 -27.12 6.94
C ALA A 778 15.64 -27.13 5.52
N VAL A 779 16.94 -27.26 5.38
CA VAL A 779 17.51 -27.23 4.09
C VAL A 779 17.10 -28.39 3.21
N HIS A 780 17.10 -29.54 3.88
CA HIS A 780 16.83 -30.85 3.34
C HIS A 780 15.46 -31.48 3.56
N ASP A 781 14.44 -30.73 3.84
CA ASP A 781 13.33 -31.56 3.93
C ASP A 781 12.77 -31.50 2.59
N ASP A 782 13.09 -32.55 1.89
CA ASP A 782 12.65 -32.73 0.56
C ASP A 782 11.15 -32.83 0.49
N GLN A 783 10.56 -33.54 1.43
CA GLN A 783 9.14 -33.79 1.49
C GLN A 783 8.37 -32.95 2.46
N LEU A 784 9.08 -31.93 2.92
CA LEU A 784 8.40 -31.02 3.84
C LEU A 784 7.57 -30.01 3.05
N PRO A 785 6.40 -29.54 3.58
CA PRO A 785 5.58 -28.56 2.92
C PRO A 785 6.36 -27.27 2.92
N ASN A 786 6.08 -26.49 1.91
CA ASN A 786 6.76 -25.24 1.75
C ASN A 786 6.41 -24.26 2.86
N ALA A 787 5.27 -24.45 3.50
CA ALA A 787 4.93 -23.59 4.60
C ALA A 787 5.92 -23.85 5.66
N ILE A 788 6.07 -25.10 5.97
CA ILE A 788 6.95 -25.50 7.01
C ILE A 788 8.42 -25.23 6.82
N SER A 789 8.89 -25.14 5.60
CA SER A 789 10.29 -24.89 5.39
C SER A 789 10.64 -23.53 5.93
N ASP A 790 9.86 -22.52 5.57
CA ASP A 790 10.08 -21.17 6.02
C ASP A 790 9.93 -21.00 7.49
N ALA A 791 9.03 -21.75 8.09
CA ALA A 791 8.85 -21.69 9.51
C ALA A 791 9.99 -22.35 10.24
N ILE A 792 10.68 -23.28 9.61
CA ILE A 792 11.79 -23.91 10.25
C ILE A 792 12.99 -23.00 10.22
N ILE A 793 13.06 -22.16 9.21
CA ILE A 793 14.17 -21.25 9.10
C ILE A 793 13.85 -20.03 9.89
N SER A 794 12.62 -19.60 9.77
CA SER A 794 12.22 -18.41 10.52
C SER A 794 12.78 -18.43 11.93
N GLY A 795 12.51 -19.51 12.66
CA GLY A 795 13.06 -19.66 13.99
C GLY A 795 14.51 -20.07 14.07
N PHE A 796 15.20 -20.31 12.95
CA PHE A 796 16.57 -20.78 13.04
C PHE A 796 17.52 -19.69 13.52
N GLN A 797 17.18 -18.43 13.28
CA GLN A 797 18.00 -17.29 13.67
C GLN A 797 17.41 -16.60 14.89
N HIS A 798 18.28 -15.94 15.64
CA HIS A 798 17.90 -15.15 16.80
C HIS A 798 19.00 -14.14 17.10
N PRO A 799 18.62 -12.98 17.66
CA PRO A 799 19.69 -12.03 18.03
C PRO A 799 20.66 -12.57 19.08
N GLY A 800 20.20 -13.51 19.88
CA GLY A 800 20.97 -13.97 21.01
C GLY A 800 21.57 -15.36 20.92
N GLN A 801 21.64 -15.92 19.74
CA GLN A 801 22.23 -17.23 19.60
C GLN A 801 23.40 -17.20 18.62
N ARG A 802 24.13 -16.11 18.57
CA ARG A 802 25.23 -15.96 17.64
C ARG A 802 26.31 -17.00 17.80
N GLU A 803 26.63 -17.37 19.03
CA GLU A 803 27.60 -18.40 19.32
C GLU A 803 27.15 -19.76 18.80
N LEU A 804 25.85 -19.96 18.89
CA LEU A 804 25.16 -21.17 18.52
C LEU A 804 25.02 -21.42 17.06
N LEU A 805 25.32 -20.42 16.25
CA LEU A 805 25.28 -20.44 14.80
C LEU A 805 26.62 -20.35 14.04
N ALA A 806 27.76 -20.31 14.70
CA ALA A 806 29.02 -20.15 13.99
C ALA A 806 29.23 -21.24 12.94
N SER A 807 28.88 -22.49 13.28
CA SER A 807 29.10 -23.61 12.37
C SER A 807 28.45 -23.36 11.01
N TYR A 808 27.27 -22.79 11.01
CA TYR A 808 26.48 -22.66 9.79
C TYR A 808 26.93 -21.52 8.90
N VAL A 809 27.90 -20.72 9.34
CA VAL A 809 28.40 -19.59 8.56
C VAL A 809 29.02 -20.13 7.27
N ARG A 810 30.12 -20.89 7.40
CA ARG A 810 30.81 -21.39 6.22
C ARG A 810 30.02 -22.49 5.51
N ARG A 811 29.19 -23.23 6.25
CA ARG A 811 28.53 -24.37 5.65
C ARG A 811 27.40 -23.95 4.73
N TYR A 812 26.70 -22.86 5.06
CA TYR A 812 25.70 -22.33 4.15
C TYR A 812 26.29 -22.11 2.76
N PHE A 813 27.47 -21.52 2.72
CA PHE A 813 28.10 -21.31 1.45
C PHE A 813 28.45 -22.63 0.83
N ASP A 814 28.97 -23.54 1.63
CA ASP A 814 29.35 -24.80 1.02
C ASP A 814 28.16 -25.54 0.49
N GLU A 815 27.11 -25.63 1.27
CA GLU A 815 25.88 -26.30 0.88
C GLU A 815 24.98 -25.72 -0.22
N ILE A 816 24.89 -24.42 -0.25
CA ILE A 816 23.93 -23.73 -1.07
C ILE A 816 24.04 -24.07 -2.53
N ASP A 817 25.25 -24.21 -3.00
CA ASP A 817 25.52 -24.62 -4.37
C ASP A 817 24.64 -25.81 -4.76
N GLU A 818 24.67 -26.88 -3.93
CA GLU A 818 24.00 -28.13 -4.29
C GLU A 818 22.49 -28.03 -4.15
N VAL A 819 21.99 -27.21 -3.23
CA VAL A 819 20.56 -27.01 -3.11
C VAL A 819 20.04 -26.14 -4.24
N TRP A 820 20.86 -25.24 -4.72
CA TRP A 820 20.45 -24.45 -5.84
C TRP A 820 20.25 -25.30 -7.08
N HIS A 821 21.16 -26.23 -7.33
CA HIS A 821 21.02 -27.18 -8.42
C HIS A 821 19.89 -28.15 -8.12
N ARG A 822 19.60 -28.34 -6.83
CA ARG A 822 18.58 -29.34 -6.45
C ARG A 822 17.18 -28.73 -6.51
N ARG A 823 16.95 -27.70 -5.71
CA ARG A 823 15.62 -27.14 -5.62
C ARG A 823 15.24 -26.27 -6.82
N SER A 824 13.95 -25.99 -6.91
CA SER A 824 13.40 -25.14 -7.96
C SER A 824 13.78 -23.68 -7.70
N SER A 825 13.55 -22.86 -8.71
CA SER A 825 13.73 -21.40 -8.56
C SER A 825 12.96 -20.89 -7.37
N GLU A 826 11.66 -21.17 -7.34
CA GLU A 826 10.83 -20.59 -6.27
C GLU A 826 11.27 -21.10 -4.90
N ARG A 827 11.50 -22.41 -4.75
CA ARG A 827 11.84 -22.95 -3.41
C ARG A 827 13.23 -22.50 -2.98
N ALA A 828 14.18 -22.53 -3.89
CA ALA A 828 15.58 -22.27 -3.51
C ALA A 828 15.83 -20.86 -2.99
N GLN A 829 15.29 -19.83 -3.63
CA GLN A 829 15.65 -18.44 -3.23
C GLN A 829 15.33 -18.15 -1.76
N PRO A 830 14.13 -18.47 -1.21
CA PRO A 830 13.89 -18.16 0.19
C PRO A 830 14.92 -18.87 1.07
N THR A 831 15.25 -20.11 0.75
CA THR A 831 16.18 -20.87 1.62
C THR A 831 17.54 -20.19 1.64
N VAL A 832 18.03 -19.77 0.48
CA VAL A 832 19.32 -19.04 0.43
C VAL A 832 19.17 -17.70 1.16
N ILE A 833 18.10 -16.95 0.89
CA ILE A 833 17.97 -15.61 1.51
C ILE A 833 17.85 -15.78 3.01
N GLY A 834 16.97 -16.68 3.44
CA GLY A 834 16.70 -16.85 4.87
C GLY A 834 17.87 -17.37 5.63
N LEU A 835 18.60 -18.30 5.05
CA LEU A 835 19.69 -18.93 5.83
C LEU A 835 21.00 -18.23 5.54
N PHE A 836 20.94 -17.11 4.84
CA PHE A 836 22.17 -16.43 4.58
C PHE A 836 22.64 -16.01 5.91
N PRO A 837 23.91 -16.12 6.16
CA PRO A 837 24.40 -15.82 7.47
C PRO A 837 24.66 -14.35 7.78
N SER A 838 23.58 -13.60 7.85
CA SER A 838 23.57 -12.22 8.19
C SER A 838 23.77 -12.12 9.67
N TRP A 839 23.64 -13.22 10.38
CA TRP A 839 23.94 -13.09 11.80
C TRP A 839 25.44 -12.99 12.04
N ALA A 840 26.27 -13.50 11.17
CA ALA A 840 27.65 -13.37 11.50
C ALA A 840 28.25 -12.20 10.83
N VAL A 841 28.43 -11.12 11.53
CA VAL A 841 29.02 -9.96 10.91
C VAL A 841 30.44 -10.03 11.31
N ASP A 842 31.25 -10.43 10.35
CA ASP A 842 32.64 -10.65 10.53
C ASP A 842 33.36 -10.47 9.21
N GLU A 843 34.64 -10.13 9.32
CA GLU A 843 35.52 -10.08 8.17
C GLU A 843 35.72 -11.52 7.70
N ASP A 844 35.70 -12.46 8.63
CA ASP A 844 35.86 -13.81 8.21
C ASP A 844 34.75 -14.18 7.33
N THR A 845 33.54 -13.94 7.76
CA THR A 845 32.44 -14.31 6.90
C THR A 845 32.46 -13.59 5.58
N VAL A 846 32.89 -12.33 5.57
CA VAL A 846 32.99 -11.64 4.28
C VAL A 846 34.01 -12.30 3.34
N ALA A 847 35.11 -12.72 3.92
CA ALA A 847 36.16 -13.42 3.21
C ALA A 847 35.59 -14.70 2.68
N VAL A 848 34.80 -15.41 3.46
CA VAL A 848 34.20 -16.62 2.96
C VAL A 848 33.25 -16.33 1.80
N ALA A 849 32.52 -15.23 1.86
CA ALA A 849 31.68 -14.91 0.76
C ALA A 849 32.50 -14.77 -0.50
N ASP A 850 33.59 -14.02 -0.48
CA ASP A 850 34.42 -13.94 -1.70
C ASP A 850 35.03 -15.29 -2.11
N ARG A 851 35.40 -16.10 -1.13
CA ARG A 851 35.99 -17.39 -1.41
C ARG A 851 34.99 -18.22 -2.19
N TRP A 852 33.73 -18.23 -1.76
CA TRP A 852 32.63 -18.92 -2.45
C TRP A 852 32.35 -18.33 -3.79
N LEU A 853 32.51 -17.02 -3.83
CA LEU A 853 32.33 -16.21 -4.99
C LEU A 853 33.27 -16.57 -6.13
N GLU A 854 34.42 -17.15 -5.82
CA GLU A 854 35.42 -17.43 -6.88
C GLU A 854 34.87 -18.42 -7.91
N GLY A 855 34.50 -19.62 -7.50
CA GLY A 855 33.94 -20.65 -8.40
C GLY A 855 32.78 -20.08 -9.19
N GLU A 856 32.65 -20.48 -10.46
CA GLU A 856 31.49 -20.02 -11.26
C GLU A 856 30.24 -20.68 -10.68
N HIS A 857 29.19 -19.90 -10.50
CA HIS A 857 27.94 -20.42 -9.91
C HIS A 857 26.78 -19.79 -10.65
N ALA A 858 25.59 -20.31 -10.43
CA ALA A 858 24.42 -19.77 -11.13
C ALA A 858 24.34 -18.25 -10.97
N PRO A 859 24.06 -17.45 -12.02
CA PRO A 859 23.92 -16.00 -11.87
C PRO A 859 22.85 -15.69 -10.85
N ALA A 860 21.74 -16.43 -10.83
CA ALA A 860 20.70 -16.21 -9.82
C ALA A 860 21.19 -16.51 -8.40
N LEU A 861 22.04 -17.49 -8.22
CA LEU A 861 22.60 -17.77 -6.91
C LEU A 861 23.52 -16.70 -6.46
N ARG A 862 24.32 -16.24 -7.40
CA ARG A 862 25.25 -15.13 -7.18
C ARG A 862 24.51 -13.81 -6.98
N ARG A 863 23.34 -13.69 -7.60
CA ARG A 863 22.49 -12.56 -7.42
C ARG A 863 22.16 -12.46 -5.94
N LEU A 864 21.79 -13.56 -5.27
CA LEU A 864 21.52 -13.48 -3.85
C LEU A 864 22.73 -13.28 -2.94
N VAL A 865 23.78 -14.04 -3.16
CA VAL A 865 24.98 -13.87 -2.37
C VAL A 865 25.45 -12.43 -2.45
N SER A 866 25.19 -11.75 -3.58
CA SER A 866 25.63 -10.37 -3.77
C SER A 866 24.87 -9.41 -2.87
N GLU A 867 23.53 -9.46 -2.93
CA GLU A 867 22.72 -8.68 -1.99
C GLU A 867 23.11 -9.02 -0.55
N GLY A 868 23.22 -10.29 -0.26
CA GLY A 868 23.53 -10.73 1.07
C GLY A 868 24.87 -10.25 1.53
N ARG A 869 25.87 -10.30 0.69
CA ARG A 869 27.18 -9.86 1.10
C ARG A 869 27.23 -8.39 1.39
N ALA A 870 26.50 -7.62 0.62
CA ALA A 870 26.48 -6.18 0.80
C ALA A 870 25.97 -5.80 2.18
N GLY A 871 24.96 -6.50 2.68
CA GLY A 871 24.45 -6.27 4.00
C GLY A 871 25.50 -6.53 5.04
N ILE A 872 26.28 -7.58 4.87
CA ILE A 872 27.33 -7.82 5.81
C ILE A 872 28.40 -6.75 5.77
N VAL A 873 28.70 -6.28 4.59
CA VAL A 873 29.68 -5.25 4.45
C VAL A 873 29.27 -3.94 5.08
N ARG A 874 28.02 -3.58 4.91
CA ARG A 874 27.48 -2.35 5.45
C ARG A 874 27.48 -2.40 6.94
N ALA A 875 27.11 -3.54 7.47
CA ALA A 875 27.05 -3.76 8.87
C ALA A 875 28.41 -3.66 9.43
N LEU A 876 29.41 -4.09 8.68
CA LEU A 876 30.79 -4.09 9.21
C LEU A 876 31.35 -2.67 9.21
N ALA A 877 31.00 -1.86 8.21
CA ALA A 877 31.47 -0.48 8.24
C ALA A 877 30.84 0.30 9.37
N ALA A 878 29.57 0.02 9.70
CA ALA A 878 28.93 0.69 10.82
C ALA A 878 29.42 0.13 12.14
N ARG A 879 29.66 -1.19 12.20
CA ARG A 879 30.29 -1.80 13.36
C ARG A 879 31.56 -1.05 13.75
N GLU A 880 32.31 -0.66 12.74
CA GLU A 880 33.51 0.11 12.87
C GLU A 880 33.34 1.56 13.27
N PHE A 881 32.38 2.25 12.66
CA PHE A 881 32.07 3.61 13.04
C PHE A 881 31.62 3.68 14.49
N ASP A 882 30.89 2.66 14.95
CA ASP A 882 30.49 2.60 16.36
C ASP A 882 31.72 2.60 17.27
N ARG A 883 32.77 1.86 16.92
CA ARG A 883 34.00 1.87 17.69
C ARG A 883 34.71 3.17 17.67
N SER A 884 34.91 3.68 16.48
CA SER A 884 35.42 5.04 16.26
C SER A 884 35.43 5.97 17.49
ZN ZN B . -7.09 4.02 -6.56
#